data_6VVQ
#
_entry.id   6VVQ
#
_cell.length_a   65.082
_cell.length_b   70.984
_cell.length_c   127.224
_cell.angle_alpha   90.000
_cell.angle_beta   96.133
_cell.angle_gamma   90.000
#
_symmetry.space_group_name_H-M   'P 1 21 1'
#
loop_
_entity.id
_entity.type
_entity.pdbx_description
1 polymer 'Acyl-coenzyme A thioesterase 11'
2 non-polymer 'MYRISTIC ACID'
3 water water
#
_entity_poly.entity_id   1
_entity_poly.type   'polypeptide(L)'
_entity_poly.pdbx_seq_one_letter_code
;SMRPQPGDGERRYREASARKKIRLDRKYIVSCKQTEVPLSVPWDPSNQVYLSYNNVSSLKMLVAKDNWVLSSEISQVRLY
TLEDDKFLSFHMEMVVHVDAAQAFLLLSDLRQRPEWDKHYRSVELVQQVDEDDAIYHVTSPALGGHTKPQDFVILASRRK
PCDNGDPYVIALRSVTLPTHRETPEYRRGETLCSGFCLWREGDQLTKVSYYNQATPGVLNYVTTNVAGLSSEFYTTFKAC
EQFLLDNRNDLAPSLQTL
;
_entity_poly.pdbx_strand_id   A,B,C,D
#
# COMPACT_ATOMS: atom_id res chain seq x y z
N GLU A 10 14.71 4.98 -6.35
CA GLU A 10 13.92 6.21 -6.34
C GLU A 10 12.51 5.91 -5.80
N ARG A 11 11.73 6.96 -5.56
CA ARG A 11 10.41 6.81 -4.96
C ARG A 11 9.60 5.73 -5.67
N ARG A 12 9.54 5.80 -7.01
CA ARG A 12 8.72 4.85 -7.76
C ARG A 12 9.05 3.41 -7.41
N TYR A 13 10.33 3.12 -7.12
CA TYR A 13 10.75 1.77 -6.81
C TYR A 13 10.63 1.45 -5.32
N ARG A 14 10.82 2.44 -4.45
CA ARG A 14 10.71 2.19 -3.02
C ARG A 14 9.31 1.70 -2.65
N GLU A 15 8.28 2.33 -3.19
CA GLU A 15 6.91 2.00 -2.80
C GLU A 15 6.51 0.62 -3.29
N ALA A 16 6.75 0.34 -4.58
CA ALA A 16 6.37 -0.95 -5.14
C ALA A 16 7.17 -2.09 -4.53
N SER A 17 8.42 -1.84 -4.15
CA SER A 17 9.23 -2.90 -3.57
C SER A 17 8.69 -3.34 -2.21
N ALA A 18 8.40 -2.37 -1.33
CA ALA A 18 7.86 -2.71 -0.01
C ALA A 18 6.55 -3.48 -0.11
N ARG A 19 5.71 -3.15 -1.11
CA ARG A 19 4.49 -3.91 -1.31
C ARG A 19 4.79 -5.37 -1.59
N LYS A 20 5.82 -5.64 -2.40
CA LYS A 20 6.17 -7.02 -2.73
C LYS A 20 6.70 -7.76 -1.50
N LYS A 21 7.45 -7.06 -0.65
CA LYS A 21 7.99 -7.69 0.55
C LYS A 21 6.88 -8.10 1.50
N ILE A 22 5.82 -7.29 1.60
CA ILE A 22 4.76 -7.59 2.54
C ILE A 22 3.98 -8.83 2.09
N ARG A 23 3.79 -8.99 0.79
CA ARG A 23 3.07 -10.16 0.29
C ARG A 23 3.84 -11.44 0.60
N LEU A 24 5.15 -11.43 0.36
CA LEU A 24 5.96 -12.62 0.62
C LEU A 24 5.92 -12.99 2.10
N ASP A 25 5.94 -11.99 2.98
CA ASP A 25 5.82 -12.26 4.41
C ASP A 25 4.46 -12.87 4.72
N ARG A 26 3.39 -12.32 4.13
CA ARG A 26 2.07 -12.88 4.33
C ARG A 26 2.00 -14.34 3.90
N LYS A 27 2.74 -14.73 2.85
CA LYS A 27 2.67 -16.09 2.35
C LYS A 27 3.47 -17.06 3.21
N TYR A 28 4.63 -16.61 3.71
CA TYR A 28 5.54 -17.49 4.44
C TYR A 28 5.64 -17.11 5.92
N ILE A 29 4.64 -16.39 6.44
CA ILE A 29 4.61 -16.13 7.87
C ILE A 29 4.58 -17.44 8.64
N VAL A 30 3.77 -18.39 8.20
CA VAL A 30 3.78 -19.73 8.77
C VAL A 30 5.05 -20.42 8.30
N SER A 31 6.06 -20.47 9.17
CA SER A 31 7.41 -20.87 8.81
C SER A 31 7.43 -22.01 7.81
N CYS A 32 7.11 -23.21 8.26
CA CYS A 32 7.14 -24.39 7.42
C CYS A 32 6.21 -25.46 7.96
N THR A 35 8.07 -29.35 10.89
CA THR A 35 8.68 -30.67 10.85
C THR A 35 8.25 -31.44 9.60
N GLU A 36 7.17 -30.98 8.96
CA GLU A 36 6.69 -31.59 7.72
C GLU A 36 7.84 -31.91 6.78
N VAL A 37 8.82 -31.03 6.71
CA VAL A 37 10.06 -31.31 5.99
C VAL A 37 11.19 -31.30 7.01
N PRO A 38 12.19 -32.18 6.90
CA PRO A 38 13.22 -32.25 7.94
C PRO A 38 14.45 -31.42 7.61
N LEU A 39 14.75 -30.41 8.44
CA LEU A 39 15.87 -29.53 8.17
C LEU A 39 17.19 -30.25 8.45
N SER A 40 17.45 -30.57 9.71
CA SER A 40 18.67 -31.25 10.10
C SER A 40 18.39 -32.73 10.34
N VAL A 41 19.42 -33.55 10.16
CA VAL A 41 19.30 -35.00 10.26
C VAL A 41 20.38 -35.54 11.19
N PRO A 42 20.13 -36.63 11.90
CA PRO A 42 21.19 -37.20 12.75
C PRO A 42 22.37 -37.67 11.90
N TRP A 43 23.57 -37.43 12.41
CA TRP A 43 24.78 -37.89 11.74
C TRP A 43 25.13 -39.29 12.23
N ASP A 44 25.30 -40.22 11.30
CA ASP A 44 25.65 -41.60 11.61
C ASP A 44 26.76 -42.00 10.66
N PRO A 45 27.96 -42.33 11.17
CA PRO A 45 29.06 -42.75 10.27
C PRO A 45 28.69 -43.92 9.39
N SER A 46 27.64 -44.67 9.75
CA SER A 46 27.19 -45.78 8.93
C SER A 46 26.40 -45.31 7.70
N ASN A 47 25.68 -44.21 7.83
CA ASN A 47 24.92 -43.64 6.71
C ASN A 47 25.63 -42.47 6.06
N GLN A 48 26.96 -42.39 6.21
CA GLN A 48 27.70 -41.27 5.64
C GLN A 48 27.59 -41.25 4.11
N VAL A 49 27.59 -42.43 3.49
CA VAL A 49 27.56 -42.49 2.03
C VAL A 49 26.21 -42.03 1.48
N TYR A 50 25.13 -42.26 2.23
CA TYR A 50 23.80 -41.85 1.80
C TYR A 50 23.50 -40.41 2.19
N LEU A 51 23.90 -39.99 3.40
CA LEU A 51 23.80 -38.59 3.74
C LEU A 51 24.54 -37.72 2.72
N SER A 52 25.69 -38.19 2.24
CA SER A 52 26.41 -37.47 1.21
C SER A 52 25.71 -37.59 -0.14
N TYR A 53 25.12 -38.75 -0.43
CA TYR A 53 24.40 -38.92 -1.68
C TYR A 53 23.10 -38.12 -1.67
N ASN A 54 22.33 -38.22 -0.59
CA ASN A 54 21.08 -37.47 -0.52
C ASN A 54 21.35 -35.97 -0.45
N ASN A 55 22.49 -35.56 0.09
CA ASN A 55 22.85 -34.16 0.09
C ASN A 55 23.06 -33.65 -1.33
N VAL A 56 23.90 -34.33 -2.10
CA VAL A 56 24.19 -33.90 -3.47
C VAL A 56 22.98 -34.12 -4.36
N SER A 57 22.24 -35.20 -4.15
CA SER A 57 21.07 -35.47 -4.97
C SER A 57 20.01 -34.39 -4.81
N SER A 58 19.82 -33.90 -3.59
CA SER A 58 18.82 -32.86 -3.35
C SER A 58 19.14 -31.58 -4.10
N LEU A 59 20.42 -31.18 -4.10
CA LEU A 59 20.80 -29.95 -4.76
C LEU A 59 20.58 -30.01 -6.26
N LYS A 60 20.87 -31.16 -6.87
CA LYS A 60 20.66 -31.30 -8.31
C LYS A 60 19.18 -31.24 -8.65
N MET A 61 18.33 -31.86 -7.83
CA MET A 61 16.89 -31.78 -8.08
C MET A 61 16.39 -30.35 -7.95
N LEU A 62 16.99 -29.57 -7.04
CA LEU A 62 16.62 -28.17 -6.94
C LEU A 62 17.00 -27.41 -8.21
N VAL A 63 18.20 -27.66 -8.74
CA VAL A 63 18.60 -27.03 -9.99
C VAL A 63 17.66 -27.44 -11.12
N ALA A 64 17.18 -28.68 -11.09
CA ALA A 64 16.36 -29.20 -12.16
C ALA A 64 14.92 -28.72 -12.12
N LYS A 65 14.49 -28.09 -11.03
CA LYS A 65 13.13 -27.58 -10.95
C LYS A 65 12.89 -26.55 -12.05
N ASP A 66 11.64 -26.49 -12.53
CA ASP A 66 11.30 -25.71 -13.71
C ASP A 66 10.66 -24.36 -13.40
N ASN A 67 9.98 -24.22 -12.27
CA ASN A 67 9.27 -22.98 -11.95
C ASN A 67 10.17 -21.95 -11.26
N TRP A 68 11.45 -21.90 -11.59
CA TRP A 68 12.28 -20.78 -11.19
C TRP A 68 11.88 -19.53 -11.97
N VAL A 69 11.78 -18.40 -11.28
CA VAL A 69 11.36 -17.14 -11.87
C VAL A 69 12.44 -16.10 -11.61
N LEU A 70 12.80 -15.36 -12.66
CA LEU A 70 13.82 -14.33 -12.54
C LEU A 70 13.25 -13.14 -11.79
N SER A 71 13.97 -12.66 -10.77
CA SER A 71 13.57 -11.49 -10.01
C SER A 71 14.34 -10.24 -10.42
N SER A 72 15.66 -10.33 -10.54
CA SER A 72 16.47 -9.14 -10.72
C SER A 72 17.72 -9.49 -11.52
N GLU A 73 18.31 -8.46 -12.10
CA GLU A 73 19.56 -8.57 -12.83
C GLU A 73 20.35 -7.28 -12.62
N ILE A 74 21.62 -7.41 -12.23
CA ILE A 74 22.46 -6.25 -11.95
C ILE A 74 23.86 -6.58 -12.43
N SER A 75 24.35 -5.80 -13.40
CA SER A 75 25.69 -5.98 -13.95
C SER A 75 25.91 -7.44 -14.38
N GLN A 76 24.91 -7.99 -15.06
CA GLN A 76 24.98 -9.32 -15.63
C GLN A 76 25.07 -10.40 -14.55
N VAL A 77 24.53 -10.10 -13.36
CA VAL A 77 24.37 -11.08 -12.29
C VAL A 77 22.87 -11.22 -12.03
N ARG A 78 22.36 -12.42 -12.28
CA ARG A 78 20.92 -12.66 -12.18
C ARG A 78 20.55 -13.17 -10.79
N LEU A 79 19.27 -13.05 -10.46
CA LEU A 79 18.72 -13.54 -9.20
C LEU A 79 17.38 -14.19 -9.48
N TYR A 80 17.32 -15.50 -9.30
CA TYR A 80 16.10 -16.27 -9.49
C TYR A 80 15.48 -16.62 -8.15
N THR A 81 14.17 -16.86 -8.17
CA THR A 81 13.42 -17.22 -6.96
C THR A 81 12.41 -18.29 -7.32
N LEU A 82 11.97 -19.02 -6.28
CA LEU A 82 11.03 -20.12 -6.45
C LEU A 82 10.09 -20.13 -5.26
N GLU A 83 8.80 -19.89 -5.53
CA GLU A 83 7.78 -19.82 -4.48
C GLU A 83 7.15 -21.19 -4.32
N ASP A 84 7.72 -22.01 -3.44
CA ASP A 84 7.08 -23.24 -3.04
C ASP A 84 6.02 -22.95 -1.97
N ASP A 85 5.08 -23.89 -1.81
CA ASP A 85 3.96 -23.66 -0.92
C ASP A 85 4.37 -23.54 0.54
N LYS A 86 5.52 -24.12 0.92
CA LYS A 86 5.94 -24.15 2.32
C LYS A 86 7.21 -23.36 2.61
N PHE A 87 8.05 -23.11 1.62
CA PHE A 87 9.33 -22.46 1.85
C PHE A 87 9.71 -21.64 0.62
N LEU A 88 10.60 -20.67 0.83
CA LEU A 88 11.06 -19.77 -0.21
C LEU A 88 12.51 -20.06 -0.56
N SER A 89 12.78 -20.26 -1.85
CA SER A 89 14.11 -20.58 -2.33
C SER A 89 14.56 -19.52 -3.33
N PHE A 90 15.84 -19.16 -3.26
CA PHE A 90 16.44 -18.25 -4.23
C PHE A 90 17.68 -18.90 -4.81
N HIS A 91 18.21 -18.26 -5.85
CA HIS A 91 19.35 -18.80 -6.58
C HIS A 91 20.03 -17.67 -7.35
N MET A 92 21.34 -17.56 -7.21
CA MET A 92 22.13 -16.53 -7.86
C MET A 92 22.92 -17.15 -9.02
N GLU A 93 22.99 -16.42 -10.13
CA GLU A 93 23.74 -16.84 -11.31
C GLU A 93 24.77 -15.80 -11.67
N MET A 94 25.92 -16.24 -12.16
CA MET A 94 27.03 -15.34 -12.44
C MET A 94 28.07 -16.07 -13.28
N VAL A 95 28.80 -15.29 -14.08
CA VAL A 95 29.86 -15.81 -14.93
C VAL A 95 31.18 -15.16 -14.50
N VAL A 96 32.18 -16.00 -14.23
CA VAL A 96 33.47 -15.53 -13.74
C VAL A 96 34.55 -16.00 -14.72
N HIS A 97 35.66 -15.27 -14.73
CA HIS A 97 36.80 -15.60 -15.60
C HIS A 97 37.84 -16.41 -14.83
N VAL A 98 37.42 -17.60 -14.39
CA VAL A 98 38.31 -18.57 -13.76
C VAL A 98 37.92 -19.95 -14.28
N ASP A 99 38.89 -20.86 -14.25
CA ASP A 99 38.61 -22.24 -14.63
C ASP A 99 37.71 -22.90 -13.59
N ALA A 100 36.72 -23.66 -14.07
CA ALA A 100 35.75 -24.28 -13.16
C ALA A 100 36.45 -25.16 -12.14
N ALA A 101 37.49 -25.88 -12.55
CA ALA A 101 38.19 -26.77 -11.63
C ALA A 101 38.87 -25.98 -10.52
N GLN A 102 39.43 -24.82 -10.84
CA GLN A 102 40.06 -23.98 -9.82
C GLN A 102 39.01 -23.41 -8.88
N ALA A 103 37.91 -22.89 -9.42
CA ALA A 103 36.84 -22.38 -8.57
C ALA A 103 36.29 -23.48 -7.68
N PHE A 104 36.34 -24.74 -8.15
CA PHE A 104 35.82 -25.85 -7.36
C PHE A 104 36.63 -26.05 -6.08
N LEU A 105 37.95 -25.96 -6.17
CA LEU A 105 38.79 -26.18 -4.99
C LEU A 105 38.67 -25.02 -4.00
N LEU A 106 38.38 -23.82 -4.48
CA LEU A 106 38.27 -22.66 -3.59
C LEU A 106 36.93 -22.67 -2.86
N LEU A 107 35.83 -22.88 -3.59
CA LEU A 107 34.51 -22.84 -2.99
C LEU A 107 34.17 -24.10 -2.20
N SER A 108 34.98 -25.16 -2.30
CA SER A 108 34.68 -26.40 -1.60
C SER A 108 35.17 -26.40 -0.17
N ASP A 109 36.10 -25.53 0.20
CA ASP A 109 36.62 -25.46 1.56
C ASP A 109 35.95 -24.28 2.25
N LEU A 110 35.00 -24.57 3.14
CA LEU A 110 34.26 -23.52 3.83
C LEU A 110 35.14 -22.72 4.77
N ARG A 111 36.30 -23.24 5.16
CA ARG A 111 37.18 -22.50 6.06
C ARG A 111 37.67 -21.20 5.45
N GLN A 112 37.72 -21.12 4.11
CA GLN A 112 38.12 -19.90 3.42
C GLN A 112 36.92 -19.07 2.97
N ARG A 113 35.72 -19.39 3.44
CA ARG A 113 34.52 -18.68 3.02
C ARG A 113 34.30 -17.41 3.83
N PRO A 114 34.68 -17.38 5.12
CA PRO A 114 34.61 -16.10 5.85
C PRO A 114 35.48 -15.01 5.26
N GLU A 115 36.44 -15.36 4.40
CA GLU A 115 37.31 -14.37 3.80
C GLU A 115 36.61 -13.50 2.77
N TRP A 116 35.45 -13.94 2.27
CA TRP A 116 34.72 -13.17 1.27
C TRP A 116 33.22 -13.08 1.54
N ASP A 117 32.70 -13.75 2.57
CA ASP A 117 31.28 -13.73 2.88
C ASP A 117 31.08 -13.12 4.25
N LYS A 118 30.35 -12.00 4.30
CA LYS A 118 30.04 -11.37 5.58
C LYS A 118 29.15 -12.24 6.45
N HIS A 119 28.46 -13.22 5.86
CA HIS A 119 27.47 -14.01 6.58
C HIS A 119 28.08 -15.20 7.32
N TYR A 120 29.37 -15.48 7.13
CA TYR A 120 30.07 -16.52 7.87
C TYR A 120 31.15 -15.87 8.73
N ARG A 121 30.89 -15.76 10.03
CA ARG A 121 31.84 -15.12 10.93
C ARG A 121 33.05 -16.02 11.18
N SER A 122 32.81 -17.22 11.71
CA SER A 122 33.86 -18.19 11.96
C SER A 122 33.48 -19.53 11.34
N VAL A 123 34.48 -20.36 11.11
CA VAL A 123 34.28 -21.70 10.55
C VAL A 123 35.27 -22.64 11.21
N GLU A 124 34.75 -23.66 11.89
CA GLU A 124 35.57 -24.67 12.55
C GLU A 124 35.32 -26.02 11.89
N LEU A 125 36.38 -26.77 11.63
CA LEU A 125 36.27 -28.12 11.09
C LEU A 125 36.09 -29.09 12.24
N VAL A 126 34.94 -29.77 12.27
CA VAL A 126 34.63 -30.69 13.36
C VAL A 126 35.15 -32.09 13.06
N GLN A 127 34.94 -32.57 11.84
CA GLN A 127 35.31 -33.94 11.50
C GLN A 127 35.48 -34.04 9.99
N GLN A 128 36.58 -34.66 9.57
CA GLN A 128 36.87 -34.88 8.15
C GLN A 128 36.48 -36.32 7.83
N VAL A 129 35.30 -36.51 7.26
CA VAL A 129 34.82 -37.85 6.95
C VAL A 129 35.73 -38.53 5.95
N ASP A 130 35.84 -37.96 4.75
CA ASP A 130 36.72 -38.51 3.72
C ASP A 130 37.26 -37.40 2.83
N GLU A 131 37.62 -37.74 1.59
CA GLU A 131 38.21 -36.77 0.69
C GLU A 131 37.22 -35.66 0.34
N ASP A 132 35.98 -36.03 0.00
CA ASP A 132 35.01 -35.10 -0.55
C ASP A 132 33.86 -34.80 0.40
N ASP A 133 33.99 -35.14 1.69
CA ASP A 133 32.92 -34.92 2.66
C ASP A 133 33.52 -34.49 3.98
N ALA A 134 32.87 -33.54 4.65
CA ALA A 134 33.37 -33.01 5.91
C ALA A 134 32.21 -32.40 6.68
N ILE A 135 32.40 -32.26 7.99
CA ILE A 135 31.45 -31.61 8.87
C ILE A 135 32.10 -30.35 9.43
N TYR A 136 31.39 -29.22 9.33
CA TYR A 136 31.88 -27.94 9.82
C TYR A 136 31.00 -27.44 10.95
N HIS A 137 31.52 -26.42 11.65
CA HIS A 137 30.77 -25.67 12.65
C HIS A 137 30.86 -24.20 12.25
N VAL A 138 29.73 -23.61 11.87
CA VAL A 138 29.68 -22.27 11.32
C VAL A 138 28.96 -21.35 12.29
N THR A 139 29.42 -20.10 12.35
CA THR A 139 28.78 -19.06 13.15
C THR A 139 28.51 -17.85 12.26
N SER A 140 27.31 -17.29 12.39
CA SER A 140 26.91 -16.15 11.57
C SER A 140 26.60 -14.94 12.44
N PRO A 141 26.86 -13.73 11.94
CA PRO A 141 26.53 -12.53 12.72
C PRO A 141 25.02 -12.40 12.92
N ALA A 142 24.66 -11.66 13.95
CA ALA A 142 23.25 -11.44 14.26
C ALA A 142 22.63 -10.53 13.20
N LEU A 143 21.61 -11.05 12.50
CA LEU A 143 20.89 -10.27 11.51
C LEU A 143 19.97 -9.27 12.22
N GLY A 144 19.21 -8.52 11.41
CA GLY A 144 18.31 -7.52 11.94
C GLY A 144 17.27 -8.09 12.87
N GLY A 145 17.34 -7.74 14.15
CA GLY A 145 16.36 -8.14 15.13
C GLY A 145 16.84 -9.10 16.19
N HIS A 146 18.15 -9.37 16.27
CA HIS A 146 18.67 -10.31 17.26
C HIS A 146 19.92 -9.73 17.90
N THR A 147 20.12 -10.11 19.16
CA THR A 147 21.33 -9.75 19.90
C THR A 147 22.39 -10.83 19.85
N LYS A 148 22.01 -12.08 19.60
CA LYS A 148 22.94 -13.19 19.55
C LYS A 148 23.28 -13.56 18.11
N PRO A 149 24.52 -13.96 17.83
CA PRO A 149 24.79 -14.64 16.56
C PRO A 149 24.24 -16.05 16.60
N GLN A 150 24.00 -16.61 15.42
CA GLN A 150 23.51 -17.98 15.29
C GLN A 150 24.56 -18.86 14.65
N ASP A 151 24.57 -20.14 15.05
CA ASP A 151 25.54 -21.10 14.56
C ASP A 151 24.85 -22.22 13.80
N PHE A 152 25.64 -22.94 13.01
CA PHE A 152 25.14 -24.03 12.17
C PHE A 152 26.09 -25.21 12.27
N VAL A 153 25.55 -26.40 12.08
CA VAL A 153 26.32 -27.64 12.01
C VAL A 153 26.01 -28.24 10.64
N ILE A 154 26.95 -28.13 9.71
CA ILE A 154 26.68 -28.39 8.30
C ILE A 154 27.57 -29.50 7.79
N LEU A 155 27.01 -30.35 6.94
CA LEU A 155 27.75 -31.38 6.22
C LEU A 155 28.00 -30.88 4.81
N ALA A 156 29.27 -30.80 4.42
CA ALA A 156 29.66 -30.33 3.10
C ALA A 156 30.08 -31.52 2.25
N SER A 157 29.39 -31.71 1.12
CA SER A 157 29.65 -32.82 0.21
C SER A 157 29.88 -32.26 -1.19
N ARG A 158 30.98 -32.66 -1.81
CA ARG A 158 31.33 -32.20 -3.15
C ARG A 158 31.49 -33.38 -4.10
N ARG A 159 31.16 -33.14 -5.37
CA ARG A 159 31.26 -34.16 -6.40
C ARG A 159 31.71 -33.53 -7.71
N LYS A 160 32.60 -34.22 -8.42
CA LYS A 160 33.03 -33.74 -9.72
C LYS A 160 32.04 -34.18 -10.80
N PRO A 161 31.93 -33.42 -11.89
CA PRO A 161 30.93 -33.75 -12.91
C PRO A 161 31.20 -35.10 -13.56
N CYS A 162 30.13 -35.84 -13.80
CA CYS A 162 30.25 -37.17 -14.40
C CYS A 162 30.52 -37.09 -15.90
N ASP A 163 29.73 -36.29 -16.61
CA ASP A 163 29.81 -36.19 -18.06
C ASP A 163 30.12 -34.76 -18.48
N ASN A 164 30.14 -34.53 -19.79
CA ASN A 164 30.34 -33.19 -20.32
C ASN A 164 29.05 -32.40 -20.21
N GLY A 165 29.16 -31.15 -19.74
CA GLY A 165 28.02 -30.31 -19.51
C GLY A 165 27.42 -30.43 -18.12
N ASP A 166 27.78 -31.48 -17.37
CA ASP A 166 27.30 -31.62 -16.00
C ASP A 166 28.15 -30.75 -15.05
N PRO A 167 27.55 -30.24 -13.98
CA PRO A 167 28.26 -29.27 -13.14
C PRO A 167 29.03 -29.89 -11.99
N TYR A 168 30.18 -29.28 -11.68
CA TYR A 168 30.77 -29.48 -10.37
C TYR A 168 29.75 -29.08 -9.32
N VAL A 169 29.63 -29.88 -8.28
CA VAL A 169 28.60 -29.69 -7.26
C VAL A 169 29.26 -29.60 -5.90
N ILE A 170 28.84 -28.61 -5.11
CA ILE A 170 29.21 -28.49 -3.71
C ILE A 170 27.89 -28.38 -2.96
N ALA A 171 27.60 -29.34 -2.10
CA ALA A 171 26.34 -29.40 -1.38
C ALA A 171 26.57 -29.08 0.09
N LEU A 172 25.55 -28.47 0.71
CA LEU A 172 25.61 -28.08 2.11
C LEU A 172 24.29 -28.42 2.78
N ARG A 173 24.36 -29.16 3.88
CA ARG A 173 23.17 -29.55 4.63
C ARG A 173 23.48 -29.53 6.11
N SER A 174 22.50 -29.08 6.90
CA SER A 174 22.67 -29.05 8.35
C SER A 174 22.39 -30.44 8.93
N VAL A 175 23.19 -30.82 9.92
CA VAL A 175 23.06 -32.09 10.62
C VAL A 175 23.17 -31.82 12.12
N THR A 176 23.11 -32.90 12.90
CA THR A 176 23.20 -32.81 14.35
C THR A 176 24.28 -33.76 14.85
N LEU A 177 25.00 -33.34 15.88
CA LEU A 177 26.05 -34.14 16.50
C LEU A 177 25.92 -34.08 18.01
N PRO A 178 26.12 -35.20 18.71
CA PRO A 178 26.06 -35.16 20.18
C PRO A 178 27.15 -34.30 20.80
N THR A 179 28.24 -34.04 20.08
CA THR A 179 29.35 -33.27 20.64
C THR A 179 29.16 -31.77 20.50
N HIS A 180 28.46 -31.32 19.47
CA HIS A 180 28.19 -29.90 19.25
C HIS A 180 26.69 -29.65 19.37
N ARG A 181 26.19 -29.71 20.59
CA ARG A 181 24.79 -29.42 20.85
C ARG A 181 24.58 -27.93 21.04
N GLU A 182 23.32 -27.52 21.00
CA GLU A 182 22.99 -26.10 21.05
C GLU A 182 23.45 -25.48 22.35
N THR A 183 24.10 -24.32 22.26
CA THR A 183 24.65 -23.64 23.42
C THR A 183 23.96 -22.30 23.63
N PRO A 184 23.85 -21.84 24.87
CA PRO A 184 23.17 -20.55 25.11
C PRO A 184 23.85 -19.36 24.46
N GLU A 185 25.11 -19.49 24.04
CA GLU A 185 25.81 -18.35 23.45
C GLU A 185 25.38 -18.09 22.02
N TYR A 186 24.92 -19.11 21.31
CA TYR A 186 24.54 -18.98 19.91
C TYR A 186 23.12 -19.49 19.69
N ARG A 187 22.46 -18.94 18.69
CA ARG A 187 21.18 -19.46 18.21
C ARG A 187 21.46 -20.56 17.19
N ARG A 188 20.77 -21.69 17.32
CA ARG A 188 21.01 -22.84 16.46
C ARG A 188 20.16 -22.71 15.21
N GLY A 189 20.77 -22.22 14.14
CA GLY A 189 20.11 -22.18 12.85
C GLY A 189 20.21 -23.51 12.14
N GLU A 190 19.40 -23.66 11.09
CA GLU A 190 19.33 -24.92 10.34
C GLU A 190 18.94 -24.61 8.91
N THR A 191 19.79 -25.03 7.96
CA THR A 191 19.50 -24.89 6.54
C THR A 191 19.16 -26.26 5.97
N LEU A 192 18.12 -26.30 5.13
CA LEU A 192 17.69 -27.57 4.56
C LEU A 192 18.70 -28.07 3.52
N CYS A 193 19.04 -27.23 2.55
CA CYS A 193 19.94 -27.63 1.48
C CYS A 193 20.43 -26.40 0.72
N SER A 194 21.75 -26.22 0.66
CA SER A 194 22.35 -25.10 -0.05
C SER A 194 23.58 -25.60 -0.80
N GLY A 195 24.33 -24.67 -1.37
CA GLY A 195 25.57 -25.00 -2.03
C GLY A 195 25.77 -24.32 -3.37
N PHE A 196 26.87 -24.67 -4.05
CA PHE A 196 27.20 -24.09 -5.34
C PHE A 196 27.01 -25.11 -6.46
N CYS A 197 26.93 -24.59 -7.68
CA CYS A 197 26.93 -25.40 -8.89
C CYS A 197 27.78 -24.68 -9.93
N LEU A 198 28.86 -25.32 -10.37
CA LEU A 198 29.81 -24.71 -11.29
C LEU A 198 29.79 -25.45 -12.62
N TRP A 199 29.63 -24.70 -13.71
CA TRP A 199 29.66 -25.24 -15.05
C TRP A 199 30.90 -24.74 -15.79
N ARG A 200 31.43 -25.57 -16.69
CA ARG A 200 32.50 -25.14 -17.59
C ARG A 200 31.86 -24.48 -18.80
N GLU A 201 31.86 -23.15 -18.82
CA GLU A 201 31.33 -22.40 -19.94
C GLU A 201 32.38 -22.13 -21.01
N GLY A 202 33.55 -22.76 -20.91
CA GLY A 202 34.64 -22.54 -21.84
C GLY A 202 35.98 -22.55 -21.16
N ASP A 203 37.04 -22.28 -21.91
CA ASP A 203 38.38 -22.22 -21.33
C ASP A 203 38.52 -20.95 -20.49
N GLN A 204 38.72 -21.13 -19.18
CA GLN A 204 38.86 -20.04 -18.23
C GLN A 204 37.54 -19.31 -17.99
N LEU A 205 36.42 -19.96 -18.27
CA LEU A 205 35.10 -19.40 -18.01
C LEU A 205 34.30 -20.37 -17.16
N THR A 206 33.53 -19.83 -16.22
CA THR A 206 32.77 -20.65 -15.29
C THR A 206 31.49 -19.92 -14.91
N LYS A 207 30.36 -20.59 -15.06
CA LYS A 207 29.08 -20.09 -14.56
C LYS A 207 28.94 -20.53 -13.11
N VAL A 208 29.17 -19.60 -12.19
CA VAL A 208 29.05 -19.88 -10.76
C VAL A 208 27.60 -19.68 -10.35
N SER A 209 27.07 -20.62 -9.58
CA SER A 209 25.68 -20.57 -9.15
C SER A 209 25.61 -20.90 -7.66
N TYR A 210 24.88 -20.08 -6.90
CA TYR A 210 24.61 -20.35 -5.50
C TYR A 210 23.13 -20.62 -5.33
N TYR A 211 22.82 -21.76 -4.71
CA TYR A 211 21.45 -22.12 -4.41
C TYR A 211 21.26 -22.16 -2.90
N ASN A 212 20.10 -21.72 -2.45
CA ASN A 212 19.71 -21.83 -1.05
C ASN A 212 18.24 -22.21 -1.00
N GLN A 213 17.96 -23.47 -0.65
CA GLN A 213 16.60 -23.98 -0.73
C GLN A 213 15.73 -23.38 0.37
N ALA A 214 16.14 -23.50 1.62
CA ALA A 214 15.32 -23.04 2.73
C ALA A 214 16.20 -22.76 3.93
N THR A 215 15.96 -21.63 4.59
CA THR A 215 16.63 -21.30 5.85
C THR A 215 15.67 -20.47 6.67
N PRO A 216 14.80 -21.11 7.45
CA PRO A 216 13.82 -20.34 8.23
C PRO A 216 14.45 -19.28 9.11
N GLY A 217 15.68 -19.49 9.56
CA GLY A 217 16.34 -18.55 10.45
C GLY A 217 16.74 -17.24 9.80
N VAL A 218 16.38 -16.99 8.54
CA VAL A 218 16.78 -15.77 7.87
C VAL A 218 15.71 -15.35 6.85
N LEU A 219 14.47 -15.76 7.09
CA LEU A 219 13.40 -15.49 6.13
C LEU A 219 13.29 -13.99 5.86
N ASN A 220 13.12 -13.18 6.91
CA ASN A 220 13.03 -11.73 6.73
C ASN A 220 14.19 -11.21 5.92
N TYR A 221 15.40 -11.69 6.21
CA TYR A 221 16.58 -11.20 5.50
C TYR A 221 16.48 -11.49 4.01
N VAL A 222 15.89 -12.63 3.64
CA VAL A 222 15.81 -13.02 2.25
C VAL A 222 14.75 -12.19 1.52
N THR A 223 13.55 -12.09 2.11
CA THR A 223 12.47 -11.34 1.46
C THR A 223 12.80 -9.87 1.30
N THR A 224 13.78 -9.34 2.05
CA THR A 224 14.20 -7.97 1.85
C THR A 224 15.05 -7.84 0.59
N ASN A 225 15.90 -8.82 0.32
CA ASN A 225 16.74 -8.76 -0.88
C ASN A 225 15.96 -9.10 -2.14
N VAL A 226 15.05 -10.08 -2.06
CA VAL A 226 14.27 -10.46 -3.23
C VAL A 226 13.37 -9.32 -3.69
N ALA A 227 12.87 -8.50 -2.77
CA ALA A 227 11.99 -7.40 -3.13
C ALA A 227 12.74 -6.18 -3.64
N GLY A 228 14.05 -6.13 -3.46
CA GLY A 228 14.85 -5.04 -3.98
C GLY A 228 15.17 -3.94 -2.99
N LEU A 229 14.66 -4.02 -1.76
CA LEU A 229 14.96 -3.01 -0.76
C LEU A 229 16.40 -3.10 -0.25
N SER A 230 17.10 -4.18 -0.56
CA SER A 230 18.49 -4.35 -0.14
C SER A 230 19.27 -4.97 -1.27
N SER A 231 20.60 -4.97 -1.14
CA SER A 231 21.48 -5.48 -2.18
C SER A 231 22.68 -6.18 -1.58
N GLU A 232 22.47 -6.90 -0.47
CA GLU A 232 23.58 -7.62 0.16
C GLU A 232 23.91 -8.91 -0.58
N PHE A 233 22.91 -9.58 -1.17
CA PHE A 233 23.18 -10.73 -2.01
C PHE A 233 24.17 -10.36 -3.12
N TYR A 234 23.88 -9.29 -3.86
CA TYR A 234 24.76 -8.87 -4.94
C TYR A 234 26.14 -8.50 -4.42
N THR A 235 26.20 -7.73 -3.34
CA THR A 235 27.49 -7.38 -2.76
C THR A 235 28.27 -8.62 -2.33
N THR A 236 27.61 -9.50 -1.56
CA THR A 236 28.28 -10.70 -1.09
C THR A 236 28.64 -11.64 -2.24
N PHE A 237 27.89 -11.61 -3.33
CA PHE A 237 28.14 -12.51 -4.43
C PHE A 237 29.21 -11.98 -5.38
N LYS A 238 29.27 -10.66 -5.57
CA LYS A 238 30.37 -10.09 -6.33
C LYS A 238 31.69 -10.12 -5.55
N ALA A 239 31.61 -10.18 -4.22
CA ALA A 239 32.81 -10.44 -3.44
C ALA A 239 33.35 -11.84 -3.71
N CYS A 240 32.46 -12.81 -3.97
CA CYS A 240 32.91 -14.12 -4.39
C CYS A 240 33.64 -14.03 -5.73
N GLU A 241 33.04 -13.33 -6.69
CA GLU A 241 33.70 -13.13 -7.98
C GLU A 241 35.08 -12.55 -7.80
N GLN A 242 35.23 -11.60 -6.88
CA GLN A 242 36.53 -11.01 -6.61
C GLN A 242 37.44 -11.99 -5.86
N PHE A 243 36.86 -12.87 -5.05
CA PHE A 243 37.66 -13.85 -4.34
C PHE A 243 38.24 -14.90 -5.27
N LEU A 244 37.52 -15.26 -6.32
CA LEU A 244 38.00 -16.27 -7.26
C LEU A 244 39.05 -15.69 -8.21
N LEU A 245 38.85 -14.44 -8.66
CA LEU A 245 39.75 -13.85 -9.64
C LEU A 245 41.16 -13.69 -9.10
N ASP A 246 41.30 -13.46 -7.79
CA ASP A 246 42.61 -13.20 -7.20
C ASP A 246 43.44 -14.46 -6.98
N ASN A 247 42.85 -15.64 -7.12
CA ASN A 247 43.55 -16.90 -6.84
C ASN A 247 43.94 -17.65 -8.11
N ARG A 248 43.83 -17.03 -9.27
CA ARG A 248 44.25 -17.67 -10.51
C ARG A 248 45.76 -17.88 -10.54
N ARG B 14 28.30 9.89 43.36
CA ARG B 14 27.63 11.05 43.93
C ARG B 14 28.17 12.33 43.32
N GLU B 15 29.45 12.60 43.55
CA GLU B 15 30.11 13.77 42.96
C GLU B 15 30.73 13.44 41.60
N ALA B 16 31.26 12.23 41.45
CA ALA B 16 31.84 11.82 40.17
C ALA B 16 30.78 11.55 39.12
N SER B 17 29.54 11.28 39.52
CA SER B 17 28.47 11.06 38.56
C SER B 17 28.17 12.32 37.77
N ALA B 18 28.11 13.48 38.45
CA ALA B 18 27.86 14.73 37.75
C ALA B 18 28.95 15.01 36.71
N ARG B 19 30.19 14.62 37.01
CA ARG B 19 31.27 14.82 36.05
C ARG B 19 31.10 13.92 34.83
N LYS B 20 30.55 12.71 35.02
CA LYS B 20 30.24 11.85 33.89
C LYS B 20 29.09 12.43 33.07
N LYS B 21 28.15 13.13 33.72
CA LYS B 21 27.03 13.71 33.00
C LYS B 21 27.49 14.89 32.15
N ILE B 22 28.44 15.70 32.66
CA ILE B 22 28.94 16.83 31.89
C ILE B 22 29.60 16.35 30.61
N ARG B 23 30.41 15.29 30.71
CA ARG B 23 31.11 14.78 29.54
C ARG B 23 30.12 14.35 28.45
N LEU B 24 29.08 13.62 28.84
CA LEU B 24 28.07 13.21 27.87
C LEU B 24 27.41 14.43 27.23
N ASP B 25 27.07 15.44 28.04
CA ASP B 25 26.35 16.60 27.52
C ASP B 25 27.20 17.37 26.52
N ARG B 26 28.49 17.57 26.83
CA ARG B 26 29.37 18.27 25.91
C ARG B 26 29.45 17.57 24.57
N LYS B 27 29.23 16.26 24.53
CA LYS B 27 29.45 15.48 23.32
C LYS B 27 28.22 15.45 22.41
N TYR B 28 27.03 15.65 22.94
CA TYR B 28 25.81 15.50 22.16
C TYR B 28 24.86 16.69 22.23
N ILE B 29 25.30 17.82 22.79
CA ILE B 29 24.38 18.94 22.94
C ILE B 29 24.14 19.63 21.59
N VAL B 30 25.19 19.85 20.81
CA VAL B 30 25.05 20.50 19.52
C VAL B 30 24.66 19.47 18.47
N VAL B 37 18.73 17.63 8.06
CA VAL B 37 19.06 16.99 9.32
C VAL B 37 17.88 16.69 10.26
N PRO B 38 16.71 17.33 10.06
CA PRO B 38 15.58 17.01 10.93
C PRO B 38 15.30 15.50 10.99
N LEU B 39 14.89 15.05 12.17
CA LEU B 39 14.61 13.64 12.40
C LEU B 39 13.20 13.24 11.99
N SER B 40 12.32 14.21 11.70
CA SER B 40 11.00 13.92 11.19
C SER B 40 11.02 13.99 9.67
N VAL B 41 10.31 13.06 9.04
CA VAL B 41 10.23 13.00 7.58
C VAL B 41 8.79 13.22 7.13
N PRO B 42 8.55 13.74 5.94
CA PRO B 42 7.17 13.96 5.50
C PRO B 42 6.39 12.66 5.40
N TRP B 43 5.13 12.72 5.80
CA TRP B 43 4.22 11.60 5.63
C TRP B 43 3.44 11.79 4.34
N ASP B 44 3.37 10.74 3.53
CA ASP B 44 2.69 10.79 2.25
C ASP B 44 1.91 9.51 2.05
N PRO B 45 0.58 9.57 1.90
CA PRO B 45 -0.19 8.33 1.68
C PRO B 45 0.28 7.52 0.49
N SER B 46 0.95 8.14 -0.49
CA SER B 46 1.51 7.38 -1.59
C SER B 46 2.80 6.66 -1.20
N ASN B 47 3.59 7.27 -0.31
CA ASN B 47 4.82 6.69 0.18
C ASN B 47 4.63 6.00 1.54
N GLN B 48 3.39 5.65 1.87
CA GLN B 48 3.08 5.22 3.23
C GLN B 48 3.65 3.84 3.53
N VAL B 49 3.56 2.92 2.56
CA VAL B 49 3.97 1.54 2.82
C VAL B 49 5.46 1.47 3.12
N TYR B 50 6.26 2.30 2.46
CA TYR B 50 7.69 2.30 2.71
C TYR B 50 8.01 2.92 4.07
N LEU B 51 7.36 4.04 4.40
CA LEU B 51 7.59 4.67 5.70
C LEU B 51 7.34 3.72 6.85
N SER B 52 6.43 2.76 6.66
CA SER B 52 6.22 1.73 7.68
C SER B 52 7.35 0.70 7.66
N TYR B 53 7.95 0.46 6.50
CA TYR B 53 9.07 -0.47 6.44
C TYR B 53 10.29 0.10 7.15
N ASN B 54 10.66 1.35 6.84
CA ASN B 54 11.79 1.97 7.52
C ASN B 54 11.57 2.06 9.02
N ASN B 55 10.32 2.29 9.44
CA ASN B 55 10.02 2.37 10.86
C ASN B 55 10.43 1.07 11.57
N VAL B 56 9.95 -0.06 11.06
CA VAL B 56 10.30 -1.36 11.64
C VAL B 56 11.73 -1.74 11.30
N SER B 57 12.14 -1.52 10.04
CA SER B 57 13.48 -1.89 9.61
C SER B 57 14.54 -1.19 10.44
N SER B 58 14.40 0.12 10.63
CA SER B 58 15.41 0.88 11.37
C SER B 58 15.52 0.39 12.81
N LEU B 59 14.39 0.00 13.41
CA LEU B 59 14.41 -0.47 14.78
C LEU B 59 15.16 -1.79 14.90
N LYS B 60 14.99 -2.68 13.93
CA LYS B 60 15.69 -3.96 13.97
C LYS B 60 17.19 -3.76 13.83
N MET B 61 17.61 -2.93 12.87
CA MET B 61 19.03 -2.66 12.70
C MET B 61 19.63 -2.07 13.98
N LEU B 62 18.83 -1.32 14.74
CA LEU B 62 19.33 -0.73 15.98
C LEU B 62 19.57 -1.79 17.04
N VAL B 63 18.73 -2.83 17.08
CA VAL B 63 18.92 -3.91 18.03
C VAL B 63 20.17 -4.72 17.70
N ALA B 64 20.47 -4.86 16.42
CA ALA B 64 21.56 -5.73 15.96
C ALA B 64 22.93 -5.07 16.08
N LYS B 65 23.01 -3.76 16.30
CA LYS B 65 24.31 -3.11 16.44
C LYS B 65 25.08 -3.75 17.60
N ASP B 66 26.40 -3.76 17.47
CA ASP B 66 27.25 -4.55 18.34
C ASP B 66 27.86 -3.76 19.49
N ASN B 67 28.13 -2.47 19.30
CA ASN B 67 28.79 -1.68 20.34
C ASN B 67 27.82 -1.17 21.41
N TRP B 68 26.84 -1.99 21.80
CA TRP B 68 26.03 -1.67 22.98
C TRP B 68 26.85 -1.93 24.23
N VAL B 69 26.72 -1.05 25.22
CA VAL B 69 27.47 -1.14 26.47
C VAL B 69 26.49 -1.14 27.63
N LEU B 70 26.76 -2.00 28.61
CA LEU B 70 25.92 -2.09 29.81
C LEU B 70 26.32 -1.00 30.79
N SER B 71 25.35 -0.15 31.17
CA SER B 71 25.61 0.96 32.06
C SER B 71 25.29 0.64 33.52
N SER B 72 24.18 -0.05 33.76
CA SER B 72 23.76 -0.35 35.13
C SER B 72 22.77 -1.50 35.12
N GLU B 73 22.55 -2.07 36.30
CA GLU B 73 21.60 -3.17 36.48
C GLU B 73 20.94 -3.02 37.84
N ILE B 74 19.61 -3.18 37.87
CA ILE B 74 18.83 -3.02 39.09
C ILE B 74 17.71 -4.05 39.05
N SER B 75 17.77 -5.03 39.96
CA SER B 75 16.73 -6.06 40.09
C SER B 75 16.45 -6.72 38.74
N GLN B 76 17.52 -7.19 38.10
CA GLN B 76 17.46 -7.93 36.84
C GLN B 76 16.90 -7.10 35.69
N VAL B 77 16.80 -5.79 35.85
CA VAL B 77 16.44 -4.87 34.78
C VAL B 77 17.69 -4.13 34.37
N ARG B 78 18.07 -4.25 33.10
CA ARG B 78 19.34 -3.73 32.61
C ARG B 78 19.10 -2.51 31.72
N LEU B 79 20.12 -1.65 31.67
CA LEU B 79 20.07 -0.40 30.92
C LEU B 79 21.33 -0.30 30.07
N TYR B 80 21.17 -0.48 28.76
CA TYR B 80 22.28 -0.40 27.82
C TYR B 80 22.34 0.98 27.17
N THR B 81 23.53 1.34 26.68
CA THR B 81 23.73 2.61 26.00
C THR B 81 24.69 2.40 24.83
N LEU B 82 24.59 3.29 23.85
CA LEU B 82 25.44 3.23 22.66
C LEU B 82 25.82 4.66 22.28
N GLU B 83 27.11 4.96 22.39
CA GLU B 83 27.64 6.30 22.13
C GLU B 83 28.14 6.35 20.69
N ASP B 84 27.23 6.68 19.77
CA ASP B 84 27.62 6.95 18.40
C ASP B 84 28.09 8.40 18.26
N ASP B 85 28.77 8.68 17.15
CA ASP B 85 29.30 10.03 16.94
C ASP B 85 28.20 11.06 16.75
N LYS B 86 26.96 10.65 16.47
CA LYS B 86 25.88 11.59 16.19
C LYS B 86 24.76 11.57 17.22
N PHE B 87 24.57 10.45 17.92
CA PHE B 87 23.45 10.36 18.86
C PHE B 87 23.85 9.54 20.07
N LEU B 88 23.08 9.70 21.14
CA LEU B 88 23.19 8.88 22.34
C LEU B 88 21.93 8.05 22.44
N SER B 89 22.10 6.73 22.39
CA SER B 89 20.98 5.80 22.41
C SER B 89 21.03 4.97 23.68
N PHE B 90 19.85 4.63 24.20
CA PHE B 90 19.74 3.71 25.32
C PHE B 90 18.65 2.70 25.01
N HIS B 91 18.70 1.58 25.71
CA HIS B 91 17.59 0.63 25.69
C HIS B 91 17.65 -0.19 26.97
N MET B 92 16.49 -0.46 27.53
CA MET B 92 16.38 -1.24 28.77
C MET B 92 15.83 -2.62 28.47
N GLU B 93 16.42 -3.63 29.10
CA GLU B 93 16.09 -5.03 28.88
C GLU B 93 15.54 -5.62 30.17
N MET B 94 14.60 -6.56 30.03
CA MET B 94 13.87 -7.08 31.18
C MET B 94 13.12 -8.33 30.74
N VAL B 95 12.93 -9.23 31.70
CA VAL B 95 12.24 -10.51 31.47
C VAL B 95 10.97 -10.51 32.31
N VAL B 96 9.83 -10.71 31.66
CA VAL B 96 8.53 -10.64 32.31
C VAL B 96 7.79 -11.96 32.12
N HIS B 97 6.96 -12.30 33.10
CA HIS B 97 6.22 -13.57 33.07
C HIS B 97 4.84 -13.38 32.41
N VAL B 98 4.87 -13.00 31.13
CA VAL B 98 3.67 -12.85 30.33
C VAL B 98 3.94 -13.39 28.93
N ASP B 99 2.88 -13.78 28.25
CA ASP B 99 2.99 -14.24 26.87
C ASP B 99 3.34 -13.07 25.97
N ALA B 100 4.19 -13.33 24.97
CA ALA B 100 4.66 -12.27 24.09
C ALA B 100 3.52 -11.70 23.25
N ALA B 101 2.64 -12.56 22.74
CA ALA B 101 1.49 -12.07 21.98
C ALA B 101 0.58 -11.21 22.86
N GLN B 102 0.35 -11.64 24.10
CA GLN B 102 -0.41 -10.82 25.03
C GLN B 102 0.25 -9.47 25.22
N ALA B 103 1.56 -9.46 25.50
CA ALA B 103 2.28 -8.21 25.63
C ALA B 103 2.28 -7.43 24.31
N PHE B 104 2.11 -8.12 23.19
CA PHE B 104 2.09 -7.45 21.89
C PHE B 104 0.82 -6.63 21.71
N LEU B 105 -0.33 -7.18 22.14
CA LEU B 105 -1.59 -6.46 21.98
C LEU B 105 -1.72 -5.33 22.99
N LEU B 106 -1.07 -5.46 24.15
CA LEU B 106 -1.17 -4.41 25.16
C LEU B 106 -0.35 -3.19 24.79
N LEU B 107 0.90 -3.38 24.38
CA LEU B 107 1.80 -2.28 24.07
C LEU B 107 1.59 -1.70 22.67
N SER B 108 0.77 -2.33 21.84
CA SER B 108 0.56 -1.84 20.48
C SER B 108 -0.46 -0.71 20.40
N ASP B 109 -1.23 -0.46 21.46
CA ASP B 109 -2.20 0.63 21.51
C ASP B 109 -1.62 1.71 22.41
N LEU B 110 -1.13 2.79 21.80
CA LEU B 110 -0.55 3.88 22.59
C LEU B 110 -1.60 4.57 23.45
N ARG B 111 -2.86 4.53 23.05
CA ARG B 111 -3.91 5.19 23.82
C ARG B 111 -4.05 4.62 25.23
N GLN B 112 -3.58 3.39 25.44
CA GLN B 112 -3.53 2.78 26.76
C GLN B 112 -2.15 2.89 27.40
N ARG B 113 -1.30 3.78 26.89
CA ARG B 113 0.07 3.90 27.36
C ARG B 113 0.21 4.95 28.46
N PRO B 114 -0.50 6.07 28.38
CA PRO B 114 -0.44 7.05 29.49
C PRO B 114 -0.90 6.48 30.82
N GLU B 115 -1.53 5.30 30.82
CA GLU B 115 -1.96 4.68 32.06
C GLU B 115 -0.78 4.21 32.92
N TRP B 116 0.40 4.08 32.33
CA TRP B 116 1.56 3.58 33.05
C TRP B 116 2.86 4.30 32.73
N ASP B 117 2.85 5.28 31.84
CA ASP B 117 4.05 6.01 31.45
C ASP B 117 3.88 7.48 31.79
N LYS B 118 4.74 8.00 32.67
CA LYS B 118 4.66 9.41 33.05
C LYS B 118 5.10 10.33 31.91
N HIS B 119 5.87 9.82 30.95
CA HIS B 119 6.39 10.66 29.87
C HIS B 119 5.35 10.94 28.80
N TYR B 120 4.23 10.22 28.80
CA TYR B 120 3.13 10.47 27.87
C TYR B 120 1.94 11.01 28.66
N ARG B 121 1.64 12.29 28.49
CA ARG B 121 0.49 12.89 29.15
C ARG B 121 -0.81 12.51 28.43
N SER B 122 -0.89 12.81 27.13
CA SER B 122 -2.09 12.55 26.34
C SER B 122 -1.70 11.83 25.05
N VAL B 123 -2.62 11.01 24.55
CA VAL B 123 -2.45 10.27 23.31
C VAL B 123 -3.72 10.44 22.48
N GLU B 124 -3.57 11.02 21.29
CA GLU B 124 -4.70 11.32 20.42
C GLU B 124 -4.54 10.59 19.10
N LEU B 125 -5.56 9.83 18.71
CA LEU B 125 -5.54 9.09 17.45
C LEU B 125 -5.86 10.03 16.30
N VAL B 126 -4.89 10.24 15.41
CA VAL B 126 -5.09 11.10 14.25
C VAL B 126 -5.65 10.27 13.10
N GLN B 127 -4.92 9.23 12.71
CA GLN B 127 -5.29 8.43 11.55
C GLN B 127 -4.93 6.97 11.79
N GLN B 128 -5.91 6.09 11.57
CA GLN B 128 -5.66 4.64 11.53
C GLN B 128 -5.42 4.27 10.07
N VAL B 129 -4.15 4.20 9.69
CA VAL B 129 -3.81 3.97 8.28
C VAL B 129 -4.25 2.57 7.85
N ASP B 130 -3.91 1.56 8.64
CA ASP B 130 -4.29 0.19 8.29
C ASP B 130 -4.25 -0.66 9.56
N GLU B 131 -4.38 -1.97 9.38
CA GLU B 131 -4.48 -2.88 10.52
C GLU B 131 -3.29 -2.72 11.47
N ASP B 132 -2.10 -2.45 10.94
CA ASP B 132 -0.88 -2.46 11.73
C ASP B 132 -0.13 -1.13 11.68
N ASP B 133 -0.79 -0.05 11.26
CA ASP B 133 -0.17 1.27 11.23
C ASP B 133 -1.20 2.31 11.66
N ALA B 134 -0.74 3.27 12.46
CA ALA B 134 -1.59 4.35 12.94
C ALA B 134 -0.71 5.54 13.26
N ILE B 135 -1.29 6.74 13.15
CA ILE B 135 -0.61 7.98 13.46
C ILE B 135 -1.26 8.58 14.70
N TYR B 136 -0.44 8.96 15.67
CA TYR B 136 -0.92 9.51 16.92
C TYR B 136 -0.32 10.88 17.16
N HIS B 137 -1.04 11.70 17.93
CA HIS B 137 -0.55 12.99 18.39
C HIS B 137 -0.30 12.85 19.89
N VAL B 138 0.97 12.92 20.28
CA VAL B 138 1.40 12.66 21.65
C VAL B 138 1.84 13.95 22.29
N THR B 139 1.54 14.09 23.58
CA THR B 139 1.98 15.22 24.39
C THR B 139 2.74 14.69 25.59
N SER B 140 3.91 15.25 25.85
CA SER B 140 4.76 14.80 26.94
C SER B 140 5.02 15.95 27.92
N PRO B 141 5.12 15.66 29.21
CA PRO B 141 5.43 16.73 30.17
C PRO B 141 6.79 17.34 29.91
N ALA B 142 7.03 18.49 30.54
CA ALA B 142 8.34 19.13 30.50
C ALA B 142 9.26 18.45 31.51
N LEU B 143 10.36 17.89 31.03
CA LEU B 143 11.26 17.10 31.85
C LEU B 143 12.43 17.96 32.30
N GLY B 144 13.44 17.33 32.89
CA GLY B 144 14.56 18.02 33.50
C GLY B 144 15.06 19.24 32.76
N GLY B 145 14.86 20.42 33.36
CA GLY B 145 15.39 21.64 32.80
C GLY B 145 14.54 22.27 31.72
N HIS B 146 13.22 22.06 31.75
CA HIS B 146 12.33 22.62 30.74
C HIS B 146 11.05 23.10 31.40
N THR B 147 10.35 23.98 30.70
CA THR B 147 9.13 24.60 31.20
C THR B 147 7.91 24.26 30.36
N LYS B 148 7.99 24.41 29.03
CA LYS B 148 6.87 24.11 28.16
C LYS B 148 6.73 22.61 27.94
N PRO B 149 5.52 22.07 28.02
CA PRO B 149 5.32 20.68 27.57
C PRO B 149 5.51 20.58 26.07
N GLN B 150 5.97 19.41 25.63
CA GLN B 150 6.25 19.17 24.22
C GLN B 150 5.33 18.08 23.69
N ASP B 151 5.01 18.19 22.40
CA ASP B 151 4.14 17.23 21.74
C ASP B 151 4.89 16.57 20.59
N PHE B 152 4.31 15.48 20.09
CA PHE B 152 4.87 14.73 18.99
C PHE B 152 3.78 14.39 17.99
N VAL B 153 4.20 14.12 16.76
CA VAL B 153 3.33 13.56 15.72
C VAL B 153 4.04 12.31 15.22
N ILE B 154 3.60 11.14 15.68
CA ILE B 154 4.37 9.92 15.60
C ILE B 154 3.67 8.90 14.71
N LEU B 155 4.46 8.13 13.98
CA LEU B 155 3.97 6.99 13.20
C LEU B 155 4.29 5.71 13.96
N ALA B 156 3.25 4.93 14.26
CA ALA B 156 3.40 3.68 14.99
C ALA B 156 3.23 2.53 14.01
N SER B 157 4.30 1.74 13.83
CA SER B 157 4.29 0.58 12.95
C SER B 157 4.56 -0.66 13.78
N ARG B 158 3.65 -1.61 13.73
CA ARG B 158 3.80 -2.90 14.41
C ARG B 158 3.83 -4.03 13.39
N ARG B 159 4.61 -5.07 13.69
CA ARG B 159 4.70 -6.25 12.84
C ARG B 159 4.71 -7.48 13.74
N LYS B 160 3.94 -8.50 13.35
CA LYS B 160 4.05 -9.78 14.01
C LYS B 160 5.32 -10.49 13.54
N PRO B 161 5.93 -11.29 14.40
CA PRO B 161 7.19 -11.94 14.01
C PRO B 161 6.97 -12.90 12.86
N CYS B 162 7.93 -12.93 11.94
CA CYS B 162 7.91 -13.89 10.85
C CYS B 162 7.50 -15.25 11.42
N ASP B 163 8.39 -15.86 12.19
CA ASP B 163 8.12 -17.07 12.95
C ASP B 163 9.41 -17.58 13.56
N ASN B 164 9.32 -18.39 14.62
CA ASN B 164 10.47 -19.10 15.13
C ASN B 164 11.61 -18.15 15.47
N GLY B 165 11.54 -17.52 16.65
CA GLY B 165 12.63 -16.70 17.14
C GLY B 165 12.59 -15.26 16.73
N ASP B 166 11.79 -14.89 15.74
CA ASP B 166 11.68 -13.50 15.32
C ASP B 166 10.92 -12.71 16.39
N PRO B 167 11.33 -11.48 16.70
CA PRO B 167 10.64 -10.73 17.75
C PRO B 167 9.43 -9.95 17.26
N TYR B 168 8.42 -9.89 18.13
CA TYR B 168 7.36 -8.90 17.98
C TYR B 168 7.98 -7.51 18.05
N VAL B 169 7.64 -6.65 17.09
CA VAL B 169 8.25 -5.33 16.97
C VAL B 169 7.16 -4.28 17.00
N ILE B 170 7.38 -3.22 17.78
CA ILE B 170 6.54 -2.04 17.78
C ILE B 170 7.49 -0.86 17.58
N ALA B 171 7.46 -0.26 16.39
CA ALA B 171 8.36 0.83 16.06
C ALA B 171 7.61 2.16 16.07
N LEU B 172 8.30 3.20 16.50
CA LEU B 172 7.76 4.56 16.56
C LEU B 172 8.73 5.51 15.89
N ARG B 173 8.21 6.38 15.03
CA ARG B 173 9.04 7.31 14.29
C ARG B 173 8.23 8.57 14.01
N SER B 174 8.91 9.71 14.03
CA SER B 174 8.25 10.99 13.86
C SER B 174 8.06 11.32 12.38
N VAL B 175 6.89 11.88 12.06
CA VAL B 175 6.57 12.35 10.73
C VAL B 175 6.03 13.78 10.84
N THR B 176 5.66 14.35 9.71
CA THR B 176 5.09 15.69 9.66
C THR B 176 3.75 15.64 8.94
N LEU B 177 2.83 16.48 9.39
CA LEU B 177 1.51 16.59 8.79
C LEU B 177 1.15 18.06 8.61
N PRO B 178 0.52 18.42 7.49
CA PRO B 178 0.03 19.81 7.35
C PRO B 178 -1.12 20.13 8.28
N THR B 179 -1.82 19.12 8.80
CA THR B 179 -2.95 19.34 9.70
C THR B 179 -2.53 19.50 11.16
N HIS B 180 -1.46 18.84 11.57
CA HIS B 180 -0.94 18.93 12.93
C HIS B 180 0.43 19.57 12.90
N ARG B 181 0.47 20.86 12.64
CA ARG B 181 1.72 21.61 12.60
C ARG B 181 2.08 22.13 13.99
N GLU B 182 3.27 22.70 14.10
CA GLU B 182 3.77 23.18 15.39
C GLU B 182 2.90 24.34 15.88
N THR B 183 2.60 24.32 17.18
CA THR B 183 1.80 25.35 17.81
C THR B 183 2.58 26.00 18.95
N PRO B 184 2.41 27.30 19.18
CA PRO B 184 3.14 27.96 20.28
C PRO B 184 2.80 27.40 21.65
N GLU B 185 1.73 26.60 21.78
CA GLU B 185 1.34 26.08 23.07
C GLU B 185 2.19 24.88 23.50
N TYR B 186 2.75 24.14 22.55
CA TYR B 186 3.62 23.01 22.84
C TYR B 186 4.94 23.19 22.09
N ARG B 187 5.97 22.51 22.59
CA ARG B 187 7.23 22.37 21.88
C ARG B 187 7.17 21.12 21.00
N ARG B 188 7.58 21.25 19.74
CA ARG B 188 7.52 20.14 18.80
C ARG B 188 8.76 19.27 18.98
N GLY B 189 8.59 18.13 19.63
CA GLY B 189 9.67 17.17 19.79
C GLY B 189 9.77 16.21 18.63
N GLU B 190 10.90 15.51 18.58
CA GLU B 190 11.15 14.57 17.50
C GLU B 190 11.93 13.37 18.04
N THR B 191 11.47 12.17 17.71
CA THR B 191 12.21 10.95 17.98
C THR B 191 12.54 10.29 16.65
N LEU B 192 13.78 9.83 16.51
CA LEU B 192 14.22 9.27 15.24
C LEU B 192 13.82 7.81 15.10
N CYS B 193 13.94 7.03 16.18
CA CYS B 193 13.58 5.62 16.14
C CYS B 193 13.45 5.12 17.57
N SER B 194 12.26 4.64 17.92
CA SER B 194 12.00 4.12 19.26
C SER B 194 11.00 2.98 19.14
N GLY B 195 10.74 2.34 20.28
CA GLY B 195 9.73 1.30 20.34
C GLY B 195 10.24 0.08 21.08
N PHE B 196 9.46 -0.99 21.00
CA PHE B 196 9.70 -2.20 21.77
C PHE B 196 10.13 -3.35 20.88
N CYS B 197 10.76 -4.34 21.51
CA CYS B 197 11.04 -5.63 20.91
C CYS B 197 10.76 -6.69 21.96
N LEU B 198 9.99 -7.70 21.59
CA LEU B 198 9.58 -8.76 22.50
C LEU B 198 10.04 -10.10 21.94
N TRP B 199 10.70 -10.89 22.77
CA TRP B 199 11.13 -12.24 22.43
C TRP B 199 10.47 -13.24 23.37
N ARG B 200 10.23 -14.45 22.85
CA ARG B 200 9.73 -15.55 23.67
C ARG B 200 10.92 -16.29 24.27
N GLU B 201 11.04 -16.24 25.59
CA GLU B 201 12.11 -16.92 26.30
C GLU B 201 11.66 -18.23 26.93
N GLY B 202 10.46 -18.69 26.62
CA GLY B 202 9.94 -19.91 27.18
C GLY B 202 8.44 -19.81 27.36
N ASP B 203 7.90 -20.76 28.13
CA ASP B 203 6.47 -20.78 28.42
C ASP B 203 6.13 -19.65 29.37
N GLN B 204 5.32 -18.70 28.90
CA GLN B 204 4.87 -17.58 29.71
C GLN B 204 6.03 -16.67 30.12
N LEU B 205 7.08 -16.62 29.29
CA LEU B 205 8.23 -15.77 29.53
C LEU B 205 8.47 -14.91 28.30
N THR B 206 8.79 -13.64 28.52
CA THR B 206 9.03 -12.69 27.44
C THR B 206 10.14 -11.76 27.87
N LYS B 207 11.13 -11.59 26.99
CA LYS B 207 12.18 -10.60 27.18
C LYS B 207 11.71 -9.29 26.55
N VAL B 208 11.40 -8.31 27.38
CA VAL B 208 10.89 -7.02 26.93
C VAL B 208 12.04 -6.03 26.84
N SER B 209 12.08 -5.27 25.75
CA SER B 209 13.11 -4.25 25.55
C SER B 209 12.47 -2.99 25.01
N TYR B 210 12.82 -1.84 25.59
CA TYR B 210 12.46 -0.54 25.05
C TYR B 210 13.71 0.10 24.47
N TYR B 211 13.62 0.53 23.21
CA TYR B 211 14.74 1.17 22.52
C TYR B 211 14.41 2.63 22.23
N ASN B 212 15.46 3.45 22.19
CA ASN B 212 15.32 4.87 21.85
C ASN B 212 16.64 5.31 21.22
N GLN B 213 16.62 5.56 19.91
CA GLN B 213 17.86 5.91 19.22
C GLN B 213 18.27 7.35 19.55
N ALA B 214 17.35 8.30 19.41
CA ALA B 214 17.69 9.70 19.64
C ALA B 214 16.41 10.50 19.83
N THR B 215 16.43 11.37 20.84
CA THR B 215 15.35 12.32 21.08
C THR B 215 16.00 13.60 21.62
N PRO B 216 16.41 14.51 20.74
CA PRO B 216 17.12 15.71 21.20
C PRO B 216 16.32 16.53 22.21
N GLY B 217 14.99 16.47 22.17
CA GLY B 217 14.17 17.25 23.08
C GLY B 217 14.17 16.79 24.52
N VAL B 218 14.95 15.76 24.85
CA VAL B 218 15.00 15.25 26.23
C VAL B 218 16.43 14.86 26.57
N LEU B 219 17.40 15.52 25.93
CA LEU B 219 18.80 15.16 26.14
C LEU B 219 19.18 15.26 27.62
N ASN B 220 18.91 16.40 28.24
CA ASN B 220 19.20 16.56 29.66
C ASN B 220 18.64 15.40 30.46
N TYR B 221 17.36 15.11 30.30
CA TYR B 221 16.74 14.05 31.08
C TYR B 221 17.43 12.71 30.83
N VAL B 222 17.79 12.43 29.59
CA VAL B 222 18.37 11.13 29.25
C VAL B 222 19.74 10.96 29.90
N THR B 223 20.60 11.98 29.78
CA THR B 223 21.95 11.87 30.31
C THR B 223 21.97 11.88 31.83
N THR B 224 20.91 12.34 32.48
CA THR B 224 20.83 12.25 33.93
C THR B 224 20.62 10.81 34.37
N ASN B 225 19.75 10.07 33.66
CA ASN B 225 19.50 8.67 33.99
C ASN B 225 20.65 7.78 33.55
N VAL B 226 21.20 8.01 32.35
CA VAL B 226 22.34 7.25 31.89
C VAL B 226 23.53 7.45 32.81
N ALA B 227 23.66 8.64 33.41
CA ALA B 227 24.78 8.93 34.29
C ALA B 227 24.57 8.41 35.70
N GLY B 228 23.33 8.11 36.08
CA GLY B 228 23.04 7.53 37.39
C GLY B 228 22.55 8.51 38.42
N LEU B 229 22.51 9.80 38.11
CA LEU B 229 21.98 10.78 39.04
C LEU B 229 20.49 10.59 39.28
N SER B 230 19.78 10.01 38.33
CA SER B 230 18.35 9.75 38.47
C SER B 230 18.05 8.31 38.08
N SER B 231 17.08 7.71 38.77
CA SER B 231 16.71 6.33 38.51
C SER B 231 15.24 6.24 38.12
N GLU B 232 14.83 7.03 37.13
CA GLU B 232 13.44 7.04 36.70
C GLU B 232 13.18 6.17 35.49
N PHE B 233 14.18 5.94 34.63
CA PHE B 233 14.04 4.93 33.59
C PHE B 233 13.63 3.59 34.20
N TYR B 234 14.27 3.21 35.32
CA TYR B 234 13.93 1.96 35.98
C TYR B 234 12.52 2.00 36.53
N THR B 235 12.14 3.10 37.16
CA THR B 235 10.78 3.22 37.71
C THR B 235 9.74 3.11 36.59
N THR B 236 9.92 3.90 35.52
CA THR B 236 9.00 3.82 34.40
C THR B 236 8.98 2.42 33.78
N PHE B 237 10.12 1.72 33.81
CA PHE B 237 10.23 0.43 33.16
C PHE B 237 9.73 -0.71 34.05
N LYS B 238 9.86 -0.58 35.37
CA LYS B 238 9.20 -1.53 36.26
C LYS B 238 7.71 -1.26 36.38
N ALA B 239 7.28 -0.03 36.07
CA ALA B 239 5.85 0.24 35.94
C ALA B 239 5.28 -0.41 34.70
N CYS B 240 6.10 -0.54 33.66
CA CYS B 240 5.67 -1.24 32.45
C CYS B 240 5.47 -2.72 32.73
N GLU B 241 6.43 -3.34 33.45
CA GLU B 241 6.26 -4.73 33.87
C GLU B 241 4.94 -4.92 34.60
N GLN B 242 4.53 -3.93 35.39
CA GLN B 242 3.30 -4.04 36.16
C GLN B 242 2.08 -4.01 35.25
N PHE B 243 2.10 -3.15 34.24
CA PHE B 243 0.97 -3.04 33.32
C PHE B 243 0.70 -4.36 32.61
N LEU B 244 1.74 -5.14 32.31
CA LEU B 244 1.58 -6.39 31.58
C LEU B 244 1.09 -7.51 32.48
N LEU B 245 1.58 -7.57 33.72
CA LEU B 245 1.17 -8.63 34.63
C LEU B 245 -0.31 -8.53 34.98
N ASP B 246 -0.88 -7.32 34.93
CA ASP B 246 -2.28 -7.12 35.28
C ASP B 246 -3.23 -7.48 34.16
N ASN B 247 -2.77 -7.49 32.91
CA ASN B 247 -3.64 -7.68 31.76
C ASN B 247 -3.47 -9.06 31.12
N ARG B 248 -2.95 -10.02 31.86
CA ARG B 248 -2.81 -11.39 31.34
C ARG B 248 -4.18 -12.04 31.16
N GLY C 9 -4.21 -40.48 -6.48
CA GLY C 9 -4.57 -39.67 -5.34
C GLY C 9 -4.82 -38.22 -5.69
N GLU C 10 -4.31 -37.79 -6.86
CA GLU C 10 -4.56 -36.44 -7.35
C GLU C 10 -5.99 -36.26 -7.85
N ARG C 11 -6.74 -37.35 -8.02
CA ARG C 11 -8.14 -37.25 -8.43
C ARG C 11 -8.92 -36.29 -7.54
N ARG C 12 -8.47 -36.12 -6.30
CA ARG C 12 -9.16 -35.21 -5.39
C ARG C 12 -9.23 -33.80 -5.95
N TYR C 13 -8.14 -33.32 -6.55
CA TYR C 13 -8.12 -31.97 -7.12
C TYR C 13 -9.14 -31.86 -8.26
N ARG C 14 -9.06 -32.78 -9.24
CA ARG C 14 -9.98 -32.74 -10.36
C ARG C 14 -11.44 -32.83 -9.93
N GLU C 15 -11.70 -33.28 -8.70
CA GLU C 15 -13.06 -33.35 -8.19
C GLU C 15 -13.50 -32.00 -7.61
N ALA C 16 -12.75 -31.51 -6.62
CA ALA C 16 -13.10 -30.22 -6.03
C ALA C 16 -13.11 -29.11 -7.07
N SER C 17 -12.33 -29.26 -8.14
CA SER C 17 -12.32 -28.27 -9.21
C SER C 17 -13.57 -28.38 -10.07
N ALA C 18 -13.89 -29.60 -10.53
CA ALA C 18 -15.12 -29.78 -11.29
C ALA C 18 -16.35 -29.49 -10.45
N ARG C 19 -16.31 -29.80 -9.15
CA ARG C 19 -17.39 -29.41 -8.26
C ARG C 19 -17.45 -27.90 -8.09
N LYS C 20 -16.28 -27.24 -8.09
CA LYS C 20 -16.25 -25.79 -7.97
C LYS C 20 -16.90 -25.11 -9.17
N LYS C 21 -16.80 -25.72 -10.36
CA LYS C 21 -17.43 -25.14 -11.53
C LYS C 21 -18.94 -25.30 -11.49
N ILE C 22 -19.44 -26.39 -10.90
CA ILE C 22 -20.88 -26.58 -10.82
C ILE C 22 -21.51 -25.58 -9.86
N ARG C 23 -20.78 -25.23 -8.79
CA ARG C 23 -21.32 -24.28 -7.82
C ARG C 23 -21.39 -22.87 -8.41
N LEU C 24 -20.34 -22.43 -9.10
CA LEU C 24 -20.32 -21.08 -9.65
C LEU C 24 -21.44 -20.88 -10.65
N ASP C 25 -21.67 -21.85 -11.54
CA ASP C 25 -22.69 -21.69 -12.56
C ASP C 25 -24.05 -21.42 -11.94
N ARG C 26 -24.43 -22.20 -10.92
CA ARG C 26 -25.72 -22.01 -10.27
C ARG C 26 -25.82 -20.66 -9.57
N LYS C 27 -24.69 -20.01 -9.29
CA LYS C 27 -24.71 -18.72 -8.62
C LYS C 27 -24.84 -17.55 -9.59
N TYR C 28 -24.37 -17.72 -10.83
CA TYR C 28 -24.36 -16.63 -11.81
C TYR C 28 -25.14 -17.00 -13.06
N ILE C 29 -26.09 -17.93 -12.95
CA ILE C 29 -26.79 -18.42 -14.12
C ILE C 29 -27.61 -17.31 -14.77
N VAL C 30 -28.26 -16.48 -13.96
CA VAL C 30 -29.08 -15.40 -14.49
C VAL C 30 -28.19 -14.25 -14.96
N LEU C 39 -25.25 -3.00 -19.70
CA LEU C 39 -23.81 -3.24 -19.61
C LEU C 39 -23.06 -2.25 -20.51
N SER C 40 -23.52 -2.12 -21.74
CA SER C 40 -22.96 -1.16 -22.68
C SER C 40 -23.77 0.13 -22.63
N VAL C 41 -23.11 1.24 -22.94
CA VAL C 41 -23.72 2.56 -22.83
C VAL C 41 -23.68 3.25 -24.19
N PRO C 42 -24.70 4.06 -24.53
CA PRO C 42 -24.64 4.79 -25.80
C PRO C 42 -23.48 5.77 -25.83
N TRP C 43 -22.85 5.88 -26.99
CA TRP C 43 -21.75 6.81 -27.19
C TRP C 43 -22.28 8.17 -27.63
N ASP C 44 -21.77 9.22 -26.99
CA ASP C 44 -22.16 10.59 -27.34
C ASP C 44 -20.91 11.46 -27.39
N PRO C 45 -20.55 12.01 -28.55
CA PRO C 45 -19.34 12.84 -28.62
C PRO C 45 -19.32 13.99 -27.63
N SER C 46 -20.48 14.36 -27.05
CA SER C 46 -20.51 15.45 -26.07
C SER C 46 -20.01 14.99 -24.71
N ASN C 47 -20.34 13.76 -24.32
CA ASN C 47 -19.94 13.20 -23.04
C ASN C 47 -18.64 12.40 -23.13
N GLN C 48 -17.86 12.61 -24.20
CA GLN C 48 -16.65 11.80 -24.39
C GLN C 48 -15.70 11.92 -23.22
N VAL C 49 -15.63 13.10 -22.60
CA VAL C 49 -14.67 13.30 -21.51
C VAL C 49 -15.11 12.56 -20.25
N TYR C 50 -16.43 12.45 -20.03
CA TYR C 50 -16.93 11.76 -18.85
C TYR C 50 -16.85 10.25 -19.02
N LEU C 51 -17.31 9.73 -20.16
CA LEU C 51 -17.28 8.30 -20.39
C LEU C 51 -15.87 7.75 -20.27
N SER C 52 -14.88 8.53 -20.71
CA SER C 52 -13.48 8.11 -20.52
C SER C 52 -13.08 8.17 -19.05
N TYR C 53 -13.61 9.13 -18.30
CA TYR C 53 -13.32 9.20 -16.87
C TYR C 53 -13.97 8.04 -16.12
N ASN C 54 -15.25 7.79 -16.39
CA ASN C 54 -15.93 6.67 -15.73
C ASN C 54 -15.34 5.34 -16.17
N ASN C 55 -14.75 5.27 -17.35
CA ASN C 55 -14.05 4.06 -17.77
C ASN C 55 -12.84 3.81 -16.87
N VAL C 56 -11.96 4.79 -16.75
CA VAL C 56 -10.77 4.64 -15.92
C VAL C 56 -11.14 4.60 -14.44
N SER C 57 -12.14 5.41 -14.04
CA SER C 57 -12.52 5.44 -12.63
C SER C 57 -13.04 4.07 -12.17
N SER C 58 -13.87 3.43 -12.99
CA SER C 58 -14.41 2.12 -12.62
C SER C 58 -13.30 1.09 -12.45
N LEU C 59 -12.26 1.16 -13.29
CA LEU C 59 -11.17 0.20 -13.20
C LEU C 59 -10.42 0.34 -11.89
N LYS C 60 -10.17 1.58 -11.45
CA LYS C 60 -9.45 1.78 -10.20
C LYS C 60 -10.29 1.34 -9.00
N MET C 61 -11.60 1.61 -9.04
CA MET C 61 -12.46 1.11 -7.97
C MET C 61 -12.39 -0.40 -7.88
N LEU C 62 -12.28 -1.08 -9.02
CA LEU C 62 -12.16 -2.54 -9.02
C LEU C 62 -10.82 -2.98 -8.45
N VAL C 63 -9.74 -2.28 -8.80
CA VAL C 63 -8.44 -2.59 -8.22
C VAL C 63 -8.46 -2.34 -6.72
N ALA C 64 -9.07 -1.23 -6.29
CA ALA C 64 -9.06 -0.85 -4.90
C ALA C 64 -9.89 -1.76 -4.01
N LYS C 65 -10.74 -2.61 -4.58
CA LYS C 65 -11.53 -3.52 -3.77
C LYS C 65 -10.60 -4.40 -2.93
N ASP C 66 -11.06 -4.73 -1.72
CA ASP C 66 -10.22 -5.43 -0.75
C ASP C 66 -10.56 -6.91 -0.63
N ASN C 67 -11.76 -7.32 -1.02
CA ASN C 67 -12.18 -8.72 -0.91
C ASN C 67 -11.69 -9.59 -2.08
N TRP C 68 -10.50 -9.32 -2.59
CA TRP C 68 -9.92 -10.18 -3.62
C TRP C 68 -9.42 -11.47 -3.00
N VAL C 69 -9.75 -12.60 -3.64
CA VAL C 69 -9.41 -13.92 -3.14
C VAL C 69 -8.47 -14.59 -4.13
N LEU C 70 -7.46 -15.28 -3.61
CA LEU C 70 -6.47 -15.97 -4.42
C LEU C 70 -7.00 -17.36 -4.78
N SER C 71 -7.13 -17.63 -6.08
CA SER C 71 -7.66 -18.91 -6.53
C SER C 71 -6.55 -19.91 -6.85
N SER C 72 -5.49 -19.49 -7.54
CA SER C 72 -4.44 -20.41 -7.91
C SER C 72 -3.17 -19.64 -8.23
N GLU C 73 -2.04 -20.35 -8.13
CA GLU C 73 -0.73 -19.78 -8.41
C GLU C 73 0.02 -20.72 -9.36
N ILE C 74 0.73 -20.13 -10.32
CA ILE C 74 1.59 -20.90 -11.20
C ILE C 74 2.84 -20.10 -11.58
N SER C 75 4.00 -20.54 -11.09
CA SER C 75 5.27 -19.90 -11.42
C SER C 75 5.19 -18.39 -11.21
N GLN C 76 4.65 -18.00 -10.05
CA GLN C 76 4.57 -16.61 -9.63
C GLN C 76 3.66 -15.79 -10.52
N VAL C 77 2.74 -16.44 -11.24
CA VAL C 77 1.67 -15.79 -11.97
C VAL C 77 0.39 -16.06 -11.20
N ARG C 78 -0.22 -15.01 -10.65
CA ARG C 78 -1.31 -15.16 -9.71
C ARG C 78 -2.65 -14.86 -10.36
N LEU C 79 -3.68 -15.57 -9.90
CA LEU C 79 -5.04 -15.45 -10.41
C LEU C 79 -5.98 -15.19 -9.23
N TYR C 80 -6.41 -13.94 -9.07
CA TYR C 80 -7.35 -13.56 -8.04
C TYR C 80 -8.76 -13.51 -8.60
N THR C 81 -9.74 -13.72 -7.72
CA THR C 81 -11.14 -13.70 -8.12
C THR C 81 -11.94 -12.95 -7.06
N LEU C 82 -13.19 -12.63 -7.41
CA LEU C 82 -14.08 -11.91 -6.50
C LEU C 82 -15.49 -12.38 -6.80
N GLU C 83 -16.08 -13.12 -5.85
CA GLU C 83 -17.42 -13.70 -6.05
C GLU C 83 -18.46 -12.72 -5.54
N ASP C 84 -18.81 -11.77 -6.42
CA ASP C 84 -19.87 -10.82 -6.13
C ASP C 84 -21.23 -11.49 -6.28
N ASP C 85 -22.26 -10.85 -5.74
CA ASP C 85 -23.62 -11.37 -5.84
C ASP C 85 -24.21 -11.21 -7.23
N LYS C 86 -23.58 -10.42 -8.11
CA LYS C 86 -24.10 -10.18 -9.45
C LYS C 86 -23.11 -10.55 -10.55
N PHE C 87 -21.81 -10.51 -10.29
CA PHE C 87 -20.82 -10.76 -11.33
C PHE C 87 -19.67 -11.58 -10.77
N LEU C 88 -18.98 -12.27 -11.68
CA LEU C 88 -17.77 -13.01 -11.36
C LEU C 88 -16.59 -12.27 -11.98
N SER C 89 -15.69 -11.78 -11.13
CA SER C 89 -14.57 -10.97 -11.57
C SER C 89 -13.26 -11.66 -11.22
N PHE C 90 -12.30 -11.60 -12.15
CA PHE C 90 -10.97 -12.13 -11.92
C PHE C 90 -9.95 -11.08 -12.32
N HIS C 91 -8.70 -11.29 -11.91
CA HIS C 91 -7.61 -10.47 -12.42
C HIS C 91 -6.31 -11.22 -12.25
N MET C 92 -5.49 -11.19 -13.29
CA MET C 92 -4.20 -11.86 -13.30
C MET C 92 -3.12 -10.89 -12.83
N GLU C 93 -2.10 -11.43 -12.17
CA GLU C 93 -0.98 -10.64 -11.70
C GLU C 93 0.32 -11.32 -12.13
N MET C 94 1.31 -10.50 -12.48
CA MET C 94 2.56 -11.00 -13.02
C MET C 94 3.58 -9.88 -13.02
N VAL C 95 4.85 -10.24 -12.91
CA VAL C 95 5.95 -9.29 -12.94
C VAL C 95 6.75 -9.53 -14.22
N VAL C 96 6.94 -8.48 -15.00
CA VAL C 96 7.62 -8.58 -16.29
C VAL C 96 8.86 -7.70 -16.26
N HIS C 97 9.85 -8.08 -17.07
CA HIS C 97 11.12 -7.35 -17.13
C HIS C 97 11.11 -6.37 -18.30
N VAL C 98 10.21 -5.40 -18.22
CA VAL C 98 10.13 -4.29 -19.17
C VAL C 98 9.76 -3.04 -18.41
N ASP C 99 10.21 -1.89 -18.92
CA ASP C 99 9.82 -0.61 -18.33
C ASP C 99 8.31 -0.45 -18.49
N ALA C 100 7.67 0.06 -17.42
CA ALA C 100 6.22 0.21 -17.43
C ALA C 100 5.76 1.10 -18.58
N ALA C 101 6.54 2.15 -18.89
CA ALA C 101 6.19 3.02 -20.01
C ALA C 101 6.26 2.29 -21.34
N GLN C 102 7.31 1.50 -21.54
CA GLN C 102 7.41 0.67 -22.74
C GLN C 102 6.20 -0.24 -22.87
N ALA C 103 5.84 -0.93 -21.78
CA ALA C 103 4.70 -1.83 -21.81
C ALA C 103 3.39 -1.08 -21.96
N PHE C 104 3.33 0.16 -21.48
CA PHE C 104 2.10 0.95 -21.58
C PHE C 104 1.77 1.25 -23.04
N LEU C 105 2.77 1.54 -23.86
CA LEU C 105 2.51 1.86 -25.26
C LEU C 105 2.15 0.62 -26.06
N LEU C 106 2.62 -0.56 -25.64
CA LEU C 106 2.35 -1.78 -26.39
C LEU C 106 0.93 -2.29 -26.11
N LEU C 107 0.56 -2.40 -24.84
CA LEU C 107 -0.74 -2.94 -24.47
C LEU C 107 -1.88 -1.96 -24.69
N SER C 108 -1.60 -0.69 -24.98
CA SER C 108 -2.64 0.30 -25.15
C SER C 108 -3.26 0.30 -26.55
N ASP C 109 -2.60 -0.32 -27.52
CA ASP C 109 -3.11 -0.41 -28.88
C ASP C 109 -3.70 -1.80 -29.09
N LEU C 110 -5.03 -1.88 -29.16
CA LEU C 110 -5.68 -3.17 -29.37
C LEU C 110 -5.32 -3.77 -30.73
N ARG C 111 -4.87 -2.96 -31.68
CA ARG C 111 -4.55 -3.47 -33.00
C ARG C 111 -3.40 -4.48 -32.97
N GLN C 112 -2.56 -4.43 -31.94
CA GLN C 112 -1.46 -5.37 -31.78
C GLN C 112 -1.77 -6.50 -30.80
N ARG C 113 -3.01 -6.56 -30.29
CA ARG C 113 -3.34 -7.53 -29.26
C ARG C 113 -3.72 -8.88 -29.84
N PRO C 114 -4.27 -8.96 -31.05
CA PRO C 114 -4.42 -10.28 -31.69
C PRO C 114 -3.09 -10.98 -31.93
N GLU C 115 -1.96 -10.27 -31.81
CA GLU C 115 -0.66 -10.90 -31.93
C GLU C 115 -0.37 -11.83 -30.77
N TRP C 116 -1.06 -11.67 -29.64
CA TRP C 116 -0.79 -12.49 -28.47
C TRP C 116 -2.03 -12.94 -27.73
N ASP C 117 -3.23 -12.55 -28.17
CA ASP C 117 -4.48 -12.94 -27.53
C ASP C 117 -5.30 -13.75 -28.54
N LYS C 118 -5.43 -15.05 -28.28
CA LYS C 118 -6.25 -15.90 -29.14
C LYS C 118 -7.74 -15.62 -28.99
N HIS C 119 -8.13 -14.80 -28.02
CA HIS C 119 -9.52 -14.42 -27.87
C HIS C 119 -9.91 -13.23 -28.74
N TYR C 120 -8.94 -12.60 -29.39
CA TYR C 120 -9.19 -11.51 -30.34
C TYR C 120 -8.78 -11.99 -31.72
N ARG C 121 -9.77 -12.23 -32.59
CA ARG C 121 -9.48 -12.64 -33.95
C ARG C 121 -9.09 -11.44 -34.81
N SER C 122 -9.91 -10.40 -34.80
CA SER C 122 -9.64 -9.18 -35.58
C SER C 122 -9.88 -7.96 -34.71
N VAL C 123 -9.12 -6.91 -34.99
CA VAL C 123 -9.23 -5.63 -34.28
C VAL C 123 -9.21 -4.52 -35.33
N GLU C 124 -10.31 -3.77 -35.42
CA GLU C 124 -10.47 -2.73 -36.43
C GLU C 124 -10.70 -1.40 -35.74
N LEU C 125 -9.94 -0.38 -36.16
CA LEU C 125 -10.08 0.96 -35.61
C LEU C 125 -11.27 1.66 -36.26
N VAL C 126 -12.27 1.98 -35.46
CA VAL C 126 -13.49 2.62 -35.97
C VAL C 126 -13.40 4.14 -35.88
N GLN C 127 -12.93 4.67 -34.76
CA GLN C 127 -13.09 6.09 -34.47
C GLN C 127 -12.08 6.52 -33.44
N GLN C 128 -11.24 7.51 -33.79
CA GLN C 128 -10.25 8.07 -32.87
C GLN C 128 -10.89 9.26 -32.17
N VAL C 129 -11.31 9.06 -30.93
CA VAL C 129 -11.97 10.12 -30.18
C VAL C 129 -11.01 11.27 -29.94
N ASP C 130 -9.92 11.01 -29.23
CA ASP C 130 -8.96 12.05 -28.90
C ASP C 130 -7.59 11.39 -28.75
N GLU C 131 -6.66 12.10 -28.09
CA GLU C 131 -5.28 11.62 -28.00
C GLU C 131 -5.20 10.28 -27.27
N ASP C 132 -6.01 10.10 -26.23
CA ASP C 132 -5.93 8.92 -25.37
C ASP C 132 -7.22 8.12 -25.33
N ASP C 133 -8.09 8.28 -26.33
CA ASP C 133 -9.32 7.52 -26.41
C ASP C 133 -9.56 7.07 -27.84
N ALA C 134 -10.19 5.91 -27.99
CA ALA C 134 -10.50 5.35 -29.29
C ALA C 134 -11.59 4.31 -29.13
N ILE C 135 -12.35 4.10 -30.20
CA ILE C 135 -13.41 3.09 -30.25
C ILE C 135 -13.01 2.04 -31.28
N TYR C 136 -13.02 0.78 -30.86
CA TYR C 136 -12.61 -0.33 -31.71
C TYR C 136 -13.78 -1.28 -31.95
N HIS C 137 -13.64 -2.10 -32.99
CA HIS C 137 -14.54 -3.21 -33.27
C HIS C 137 -13.69 -4.48 -33.18
N VAL C 138 -13.97 -5.31 -32.18
CA VAL C 138 -13.19 -6.50 -31.91
C VAL C 138 -14.04 -7.73 -32.19
N THR C 139 -13.39 -8.78 -32.68
CA THR C 139 -14.03 -10.05 -32.96
C THR C 139 -13.28 -11.16 -32.24
N SER C 140 -14.03 -12.09 -31.65
CA SER C 140 -13.44 -13.20 -30.91
C SER C 140 -13.86 -14.53 -31.52
N PRO C 141 -13.01 -15.55 -31.46
CA PRO C 141 -13.41 -16.87 -31.94
C PRO C 141 -14.56 -17.42 -31.12
N ALA C 142 -15.21 -18.46 -31.66
CA ALA C 142 -16.28 -19.12 -30.93
C ALA C 142 -15.70 -19.98 -29.82
N LEU C 143 -16.21 -19.79 -28.61
CA LEU C 143 -15.76 -20.58 -27.46
C LEU C 143 -16.46 -21.94 -27.49
N GLY C 144 -16.28 -22.72 -26.44
CA GLY C 144 -16.92 -24.02 -26.36
C GLY C 144 -18.44 -23.88 -26.30
N GLY C 145 -19.12 -24.45 -27.31
CA GLY C 145 -20.57 -24.47 -27.33
C GLY C 145 -21.20 -23.55 -28.35
N HIS C 146 -20.41 -22.81 -29.13
CA HIS C 146 -20.94 -21.89 -30.11
C HIS C 146 -20.25 -22.11 -31.44
N THR C 147 -20.98 -21.82 -32.52
CA THR C 147 -20.46 -21.90 -33.87
C THR C 147 -20.34 -20.54 -34.55
N LYS C 148 -20.87 -19.48 -33.96
CA LYS C 148 -20.72 -18.12 -34.48
C LYS C 148 -19.73 -17.35 -33.62
N PRO C 149 -18.74 -16.67 -34.22
CA PRO C 149 -17.90 -15.77 -33.42
C PRO C 149 -18.68 -14.56 -32.95
N GLN C 150 -18.29 -14.04 -31.79
CA GLN C 150 -18.94 -12.88 -31.22
C GLN C 150 -18.01 -11.68 -31.27
N ASP C 151 -18.59 -10.50 -31.48
CA ASP C 151 -17.85 -9.26 -31.65
C ASP C 151 -18.15 -8.31 -30.49
N PHE C 152 -17.35 -7.24 -30.42
CA PHE C 152 -17.48 -6.24 -29.38
C PHE C 152 -17.29 -4.85 -29.97
N VAL C 153 -17.93 -3.87 -29.35
CA VAL C 153 -17.78 -2.45 -29.70
C VAL C 153 -17.28 -1.77 -28.43
N ILE C 154 -15.97 -1.52 -28.37
CA ILE C 154 -15.29 -1.21 -27.11
C ILE C 154 -14.68 0.18 -27.19
N LEU C 155 -14.69 0.88 -26.04
CA LEU C 155 -14.01 2.15 -25.88
C LEU C 155 -12.74 1.92 -25.05
N ALA C 156 -11.60 2.33 -25.59
CA ALA C 156 -10.31 2.15 -24.94
C ALA C 156 -9.82 3.51 -24.45
N SER C 157 -9.58 3.60 -23.14
CA SER C 157 -9.14 4.84 -22.50
C SER C 157 -7.87 4.56 -21.72
N ARG C 158 -6.82 5.32 -22.02
CA ARG C 158 -5.53 5.14 -21.36
C ARG C 158 -5.12 6.42 -20.66
N ARG C 159 -4.40 6.27 -19.55
CA ARG C 159 -3.96 7.40 -18.75
C ARG C 159 -2.59 7.08 -18.16
N LYS C 160 -1.79 8.13 -17.95
CA LYS C 160 -0.51 7.99 -17.27
C LYS C 160 -0.69 8.23 -15.78
N PRO C 161 0.22 7.71 -14.95
CA PRO C 161 0.02 7.81 -13.50
C PRO C 161 0.26 9.23 -12.99
N CYS C 162 -0.56 9.64 -12.03
CA CYS C 162 -0.46 11.00 -11.50
C CYS C 162 0.75 11.13 -10.57
N ASP C 163 0.85 10.26 -9.57
CA ASP C 163 1.88 10.34 -8.56
C ASP C 163 2.79 9.12 -8.63
N ASN C 164 3.75 9.05 -7.71
CA ASN C 164 4.63 7.91 -7.61
C ASN C 164 3.91 6.77 -6.89
N GLY C 165 4.09 5.56 -7.41
CA GLY C 165 3.30 4.42 -6.97
C GLY C 165 1.96 4.29 -7.61
N ASP C 166 1.52 5.30 -8.39
CA ASP C 166 0.26 5.22 -9.11
C ASP C 166 0.48 4.50 -10.44
N PRO C 167 -0.52 3.75 -10.92
CA PRO C 167 -0.32 2.92 -12.10
C PRO C 167 -0.74 3.58 -13.40
N TYR C 168 0.01 3.23 -14.46
CA TYR C 168 -0.53 3.38 -15.80
C TYR C 168 -1.81 2.58 -15.89
N VAL C 169 -2.80 3.12 -16.61
CA VAL C 169 -4.12 2.49 -16.69
C VAL C 169 -4.55 2.42 -18.15
N ILE C 170 -5.08 1.26 -18.54
CA ILE C 170 -5.67 1.04 -19.85
C ILE C 170 -7.04 0.42 -19.59
N ALA C 171 -8.10 1.20 -19.80
CA ALA C 171 -9.45 0.75 -19.51
C ALA C 171 -10.18 0.35 -20.80
N LEU C 172 -11.14 -0.57 -20.66
CA LEU C 172 -11.90 -1.07 -21.79
C LEU C 172 -13.36 -1.23 -21.38
N ARG C 173 -14.26 -0.66 -22.18
CA ARG C 173 -15.69 -0.79 -21.92
C ARG C 173 -16.43 -0.91 -23.25
N SER C 174 -17.52 -1.68 -23.22
CA SER C 174 -18.37 -1.82 -24.40
C SER C 174 -19.32 -0.63 -24.52
N VAL C 175 -19.43 -0.11 -25.74
CA VAL C 175 -20.33 0.97 -26.07
C VAL C 175 -21.21 0.52 -27.24
N THR C 176 -22.08 1.42 -27.69
CA THR C 176 -22.98 1.15 -28.81
C THR C 176 -22.86 2.26 -29.84
N LEU C 177 -22.96 1.90 -31.11
CA LEU C 177 -22.85 2.84 -32.20
C LEU C 177 -23.97 2.58 -33.21
N PRO C 178 -24.54 3.65 -33.81
CA PRO C 178 -25.57 3.43 -34.82
C PRO C 178 -25.03 2.87 -36.13
N THR C 179 -23.72 3.03 -36.39
CA THR C 179 -23.15 2.53 -37.63
C THR C 179 -22.77 1.05 -37.52
N HIS C 180 -22.38 0.60 -36.34
CA HIS C 180 -21.99 -0.78 -36.10
C HIS C 180 -23.03 -1.43 -35.19
N ARG C 181 -24.21 -1.68 -35.74
CA ARG C 181 -25.28 -2.33 -35.00
C ARG C 181 -25.04 -3.83 -34.96
N GLU C 182 -25.91 -4.53 -34.22
CA GLU C 182 -25.82 -5.98 -34.12
C GLU C 182 -26.19 -6.61 -35.47
N THR C 183 -25.39 -7.59 -35.89
CA THR C 183 -25.59 -8.25 -37.16
C THR C 183 -25.81 -9.74 -36.96
N PRO C 184 -26.71 -10.37 -37.71
CA PRO C 184 -26.90 -11.83 -37.57
C PRO C 184 -25.65 -12.65 -37.86
N GLU C 185 -24.62 -12.05 -38.44
CA GLU C 185 -23.39 -12.78 -38.75
C GLU C 185 -22.51 -12.98 -37.53
N TYR C 186 -22.70 -12.19 -36.48
CA TYR C 186 -21.91 -12.29 -35.26
C TYR C 186 -22.83 -12.17 -34.06
N ARG C 187 -22.35 -12.68 -32.93
CA ARG C 187 -23.03 -12.49 -31.65
C ARG C 187 -22.46 -11.25 -30.97
N ARG C 188 -23.33 -10.39 -30.45
CA ARG C 188 -22.91 -9.14 -29.85
C ARG C 188 -22.61 -9.38 -28.37
N GLY C 189 -21.33 -9.31 -28.01
CA GLY C 189 -20.93 -9.45 -26.62
C GLY C 189 -20.79 -8.10 -25.93
N GLU C 190 -20.79 -8.15 -24.60
CA GLU C 190 -20.74 -6.94 -23.77
C GLU C 190 -19.72 -7.12 -22.67
N THR C 191 -18.88 -6.11 -22.48
CA THR C 191 -17.94 -6.07 -21.36
C THR C 191 -18.27 -4.87 -20.48
N LEU C 192 -18.34 -5.09 -19.18
CA LEU C 192 -18.69 -4.02 -18.25
C LEU C 192 -17.48 -3.17 -17.90
N CYS C 193 -16.36 -3.82 -17.59
CA CYS C 193 -15.14 -3.09 -17.25
C CYS C 193 -13.95 -4.04 -17.26
N SER C 194 -12.91 -3.69 -18.01
CA SER C 194 -11.73 -4.53 -18.12
C SER C 194 -10.52 -3.63 -18.34
N GLY C 195 -9.35 -4.25 -18.50
CA GLY C 195 -8.16 -3.53 -18.87
C GLY C 195 -7.00 -3.86 -17.95
N PHE C 196 -5.91 -3.12 -18.12
CA PHE C 196 -4.66 -3.38 -17.44
C PHE C 196 -4.37 -2.33 -16.37
N CYS C 197 -3.34 -2.62 -15.59
CA CYS C 197 -2.75 -1.67 -14.66
C CYS C 197 -1.27 -2.01 -14.54
N LEU C 198 -0.42 -1.03 -14.78
CA LEU C 198 1.02 -1.24 -14.79
C LEU C 198 1.66 -0.43 -13.67
N TRP C 199 2.53 -1.08 -12.89
CA TRP C 199 3.28 -0.42 -11.84
C TRP C 199 4.77 -0.52 -12.15
N ARG C 200 5.52 0.50 -11.73
CA ARG C 200 6.98 0.48 -11.84
C ARG C 200 7.55 -0.29 -10.65
N GLU C 201 8.00 -1.51 -10.89
CA GLU C 201 8.62 -2.33 -9.86
C GLU C 201 10.14 -2.18 -9.82
N GLY C 202 10.69 -1.29 -10.62
CA GLY C 202 12.14 -1.15 -10.73
C GLY C 202 12.51 -0.74 -12.14
N ASP C 203 13.82 -0.58 -12.34
CA ASP C 203 14.34 -0.29 -13.67
C ASP C 203 14.07 -1.50 -14.57
N GLN C 204 13.22 -1.31 -15.57
CA GLN C 204 12.82 -2.37 -16.49
C GLN C 204 12.09 -3.50 -15.75
N LEU C 205 11.39 -3.15 -14.67
CA LEU C 205 10.50 -4.08 -13.98
C LEU C 205 9.10 -3.47 -13.94
N THR C 206 8.09 -4.30 -14.18
CA THR C 206 6.72 -3.82 -14.23
C THR C 206 5.77 -4.93 -13.83
N LYS C 207 4.90 -4.64 -12.85
CA LYS C 207 3.84 -5.57 -12.48
C LYS C 207 2.67 -5.37 -13.45
N VAL C 208 2.46 -6.36 -14.31
CA VAL C 208 1.36 -6.32 -15.26
C VAL C 208 0.16 -7.02 -14.64
N SER C 209 -1.02 -6.40 -14.77
CA SER C 209 -2.24 -6.96 -14.23
C SER C 209 -3.36 -6.77 -15.23
N TYR C 210 -4.12 -7.83 -15.49
CA TYR C 210 -5.31 -7.75 -16.33
C TYR C 210 -6.54 -7.94 -15.46
N TYR C 211 -7.47 -6.99 -15.53
CA TYR C 211 -8.72 -7.04 -14.80
C TYR C 211 -9.88 -7.28 -15.76
N ASN C 212 -10.90 -7.98 -15.27
CA ASN C 212 -12.13 -8.17 -16.03
C ASN C 212 -13.27 -8.30 -15.03
N GLN C 213 -14.14 -7.28 -14.97
CA GLN C 213 -15.19 -7.25 -13.98
C GLN C 213 -16.37 -8.12 -14.37
N ALA C 214 -16.77 -8.10 -15.65
CA ALA C 214 -17.92 -8.86 -16.09
C ALA C 214 -18.02 -8.93 -17.60
N THR C 215 -18.24 -10.13 -18.13
CA THR C 215 -18.49 -10.34 -19.56
C THR C 215 -19.42 -11.54 -19.69
N PRO C 216 -20.73 -11.31 -19.65
CA PRO C 216 -21.66 -12.45 -19.60
C PRO C 216 -21.55 -13.41 -20.77
N GLY C 217 -21.11 -12.92 -21.93
CA GLY C 217 -21.01 -13.78 -23.09
C GLY C 217 -19.98 -14.89 -23.01
N VAL C 218 -19.27 -15.02 -21.89
CA VAL C 218 -18.22 -16.01 -21.76
C VAL C 218 -18.17 -16.53 -20.33
N LEU C 219 -19.32 -16.58 -19.66
CA LEU C 219 -19.35 -17.02 -18.27
C LEU C 219 -18.79 -18.43 -18.11
N ASN C 220 -19.32 -19.38 -18.91
CA ASN C 220 -18.85 -20.75 -18.81
C ASN C 220 -17.35 -20.85 -19.06
N TYR C 221 -16.81 -19.99 -19.92
CA TYR C 221 -15.38 -20.03 -20.19
C TYR C 221 -14.57 -19.50 -19.02
N VAL C 222 -15.16 -18.63 -18.19
CA VAL C 222 -14.43 -18.09 -17.05
C VAL C 222 -14.41 -19.09 -15.91
N THR C 223 -15.58 -19.67 -15.58
CA THR C 223 -15.64 -20.60 -14.46
C THR C 223 -14.77 -21.83 -14.66
N THR C 224 -14.32 -22.10 -15.88
CA THR C 224 -13.44 -23.24 -16.12
C THR C 224 -12.01 -22.92 -15.71
N ASN C 225 -11.53 -21.72 -16.04
CA ASN C 225 -10.17 -21.33 -15.67
C ASN C 225 -10.06 -21.00 -14.19
N VAL C 226 -11.09 -20.35 -13.63
CA VAL C 226 -11.06 -19.98 -12.21
C VAL C 226 -11.04 -21.24 -11.34
N ALA C 227 -11.78 -22.27 -11.74
CA ALA C 227 -11.85 -23.47 -10.94
C ALA C 227 -10.62 -24.36 -11.07
N GLY C 228 -9.84 -24.19 -12.13
CA GLY C 228 -8.65 -24.97 -12.34
C GLY C 228 -8.80 -26.09 -13.36
N LEU C 229 -10.02 -26.32 -13.86
CA LEU C 229 -10.21 -27.34 -14.89
C LEU C 229 -9.46 -27.00 -16.17
N SER C 230 -9.09 -25.73 -16.36
CA SER C 230 -8.33 -25.30 -17.52
C SER C 230 -7.25 -24.34 -17.06
N SER C 231 -6.23 -24.19 -17.90
CA SER C 231 -5.14 -23.26 -17.64
C SER C 231 -4.90 -22.37 -18.86
N GLU C 232 -6.00 -21.90 -19.47
CA GLU C 232 -5.89 -21.10 -20.68
C GLU C 232 -5.63 -19.63 -20.37
N PHE C 233 -6.20 -19.10 -19.28
CA PHE C 233 -5.80 -17.78 -18.82
C PHE C 233 -4.29 -17.69 -18.68
N TYR C 234 -3.69 -18.68 -18.01
CA TYR C 234 -2.26 -18.65 -17.76
C TYR C 234 -1.47 -18.66 -19.06
N THR C 235 -1.89 -19.48 -20.02
CA THR C 235 -1.21 -19.51 -21.31
C THR C 235 -1.29 -18.15 -21.99
N THR C 236 -2.49 -17.55 -22.01
CA THR C 236 -2.66 -16.25 -22.66
C THR C 236 -1.76 -15.18 -22.02
N PHE C 237 -1.60 -15.24 -20.71
CA PHE C 237 -0.80 -14.22 -20.03
C PHE C 237 0.68 -14.42 -20.30
N LYS C 238 1.13 -15.68 -20.34
CA LYS C 238 2.53 -15.93 -20.70
C LYS C 238 2.80 -15.56 -22.15
N ALA C 239 1.79 -15.68 -23.02
CA ALA C 239 1.92 -15.18 -24.39
C ALA C 239 2.03 -13.66 -24.40
N CYS C 240 1.37 -12.98 -23.46
CA CYS C 240 1.53 -11.55 -23.33
C CYS C 240 2.95 -11.20 -22.88
N GLU C 241 3.45 -11.91 -21.86
CA GLU C 241 4.81 -11.66 -21.40
C GLU C 241 5.81 -11.78 -22.54
N GLN C 242 5.67 -12.83 -23.37
CA GLN C 242 6.56 -12.99 -24.51
C GLN C 242 6.40 -11.84 -25.50
N PHE C 243 5.17 -11.35 -25.66
CA PHE C 243 4.92 -10.25 -26.60
C PHE C 243 5.64 -8.98 -26.17
N LEU C 244 5.82 -8.77 -24.87
CA LEU C 244 6.44 -7.54 -24.38
C LEU C 244 7.96 -7.64 -24.43
N LEU C 245 8.52 -8.81 -24.10
CA LEU C 245 9.97 -8.96 -24.03
C LEU C 245 10.65 -8.73 -25.38
N ASP C 246 9.93 -8.97 -26.48
CA ASP C 246 10.53 -8.78 -27.80
C ASP C 246 10.61 -7.31 -28.18
N ASN C 247 9.52 -6.57 -27.94
CA ASN C 247 9.40 -5.20 -28.45
C ASN C 247 10.29 -4.22 -27.71
N ARG C 248 10.78 -4.56 -26.51
CA ARG C 248 11.82 -3.78 -25.88
C ARG C 248 13.17 -4.05 -26.56
N ASN C 249 14.15 -3.19 -26.26
CA ASN C 249 15.45 -3.31 -26.89
C ASN C 249 16.10 -4.67 -26.59
N ASP C 250 15.98 -5.14 -25.34
CA ASP C 250 16.57 -6.39 -24.85
C ASP C 250 17.97 -6.16 -24.29
N ALA D 16 -22.37 22.21 -31.58
CA ALA D 16 -21.41 23.26 -31.30
C ALA D 16 -21.38 23.58 -29.80
N SER D 17 -22.48 23.30 -29.11
CA SER D 17 -22.53 23.53 -27.67
C SER D 17 -21.61 22.55 -26.94
N ALA D 18 -21.52 21.31 -27.42
CA ALA D 18 -20.71 20.31 -26.75
C ALA D 18 -19.23 20.63 -26.79
N ARG D 19 -18.79 21.41 -27.78
CA ARG D 19 -17.37 21.74 -27.87
C ARG D 19 -16.93 22.64 -26.73
N LYS D 20 -17.80 23.56 -26.30
CA LYS D 20 -17.53 24.33 -25.09
C LYS D 20 -17.61 23.43 -23.86
N LYS D 21 -18.61 22.54 -23.82
CA LYS D 21 -18.75 21.62 -22.70
C LYS D 21 -17.53 20.72 -22.57
N ILE D 22 -16.89 20.37 -23.69
CA ILE D 22 -15.75 19.47 -23.63
C ILE D 22 -14.52 20.17 -23.06
N ARG D 23 -14.32 21.44 -23.41
CA ARG D 23 -13.16 22.17 -22.89
C ARG D 23 -13.23 22.31 -21.38
N LEU D 24 -14.37 22.79 -20.88
CA LEU D 24 -14.53 22.96 -19.44
C LEU D 24 -14.25 21.63 -18.71
N ASP D 25 -14.84 20.55 -19.19
CA ASP D 25 -14.63 19.24 -18.56
C ASP D 25 -13.16 18.85 -18.59
N ARG D 26 -12.51 18.97 -19.75
CA ARG D 26 -11.09 18.67 -19.84
C ARG D 26 -10.28 19.44 -18.81
N LYS D 27 -10.77 20.61 -18.40
CA LYS D 27 -9.99 21.52 -17.56
C LYS D 27 -10.13 21.23 -16.07
N TYR D 28 -11.27 20.68 -15.63
CA TYR D 28 -11.52 20.49 -14.21
C TYR D 28 -11.93 19.06 -13.86
N ILE D 29 -11.79 18.11 -14.77
CA ILE D 29 -12.21 16.75 -14.47
C ILE D 29 -11.21 16.05 -13.55
N VAL D 30 -9.92 16.29 -13.75
CA VAL D 30 -8.90 15.67 -12.93
C VAL D 30 -8.78 16.40 -11.59
N LEU D 39 -12.88 19.79 1.40
CA LEU D 39 -14.15 20.48 1.17
C LEU D 39 -14.98 20.52 2.45
N SER D 40 -14.99 19.40 3.17
CA SER D 40 -15.70 19.29 4.43
C SER D 40 -14.75 19.48 5.60
N VAL D 41 -15.28 19.97 6.71
CA VAL D 41 -14.46 20.29 7.88
C VAL D 41 -15.00 19.55 9.10
N PRO D 42 -14.16 19.17 10.07
CA PRO D 42 -14.68 18.52 11.28
C PRO D 42 -15.56 19.48 12.08
N TRP D 43 -16.68 18.94 12.57
CA TRP D 43 -17.57 19.70 13.44
C TRP D 43 -17.07 19.64 14.88
N ASP D 44 -17.04 20.79 15.54
CA ASP D 44 -16.61 20.88 16.93
C ASP D 44 -17.49 21.88 17.66
N PRO D 45 -18.30 21.44 18.63
CA PRO D 45 -19.15 22.39 19.35
C PRO D 45 -18.38 23.56 19.96
N SER D 46 -17.07 23.41 20.11
CA SER D 46 -16.25 24.51 20.60
C SER D 46 -15.99 25.54 19.51
N ASN D 47 -15.93 25.12 18.25
CA ASN D 47 -15.72 26.01 17.12
C ASN D 47 -17.02 26.34 16.40
N GLN D 48 -18.17 26.06 17.00
CA GLN D 48 -19.44 26.20 16.30
C GLN D 48 -19.70 27.65 15.90
N VAL D 49 -19.36 28.60 16.78
CA VAL D 49 -19.60 30.00 16.47
C VAL D 49 -18.71 30.46 15.33
N TYR D 50 -17.47 29.96 15.28
CA TYR D 50 -16.56 30.35 14.21
C TYR D 50 -16.91 29.67 12.90
N LEU D 51 -17.29 28.38 12.95
CA LEU D 51 -17.67 27.68 11.72
C LEU D 51 -18.83 28.37 11.02
N SER D 52 -19.74 28.97 11.78
CA SER D 52 -20.84 29.70 11.17
C SER D 52 -20.37 31.02 10.55
N TYR D 53 -19.33 31.62 11.12
CA TYR D 53 -18.81 32.86 10.57
C TYR D 53 -18.23 32.63 9.18
N ASN D 54 -17.30 31.67 9.06
CA ASN D 54 -16.71 31.39 7.76
C ASN D 54 -17.76 30.93 6.75
N ASN D 55 -18.84 30.32 7.23
CA ASN D 55 -19.92 29.91 6.33
C ASN D 55 -20.54 31.12 5.66
N VAL D 56 -20.93 32.12 6.44
CA VAL D 56 -21.51 33.34 5.88
C VAL D 56 -20.44 34.20 5.22
N SER D 57 -19.30 34.37 5.89
CA SER D 57 -18.22 35.16 5.33
C SER D 57 -17.80 34.65 3.96
N SER D 58 -17.63 33.32 3.83
CA SER D 58 -17.16 32.76 2.57
C SER D 58 -18.17 33.00 1.45
N LEU D 59 -19.47 32.95 1.77
CA LEU D 59 -20.49 33.22 0.76
C LEU D 59 -20.45 34.67 0.30
N LYS D 60 -20.33 35.61 1.25
CA LYS D 60 -20.25 37.02 0.89
C LYS D 60 -19.02 37.30 0.04
N MET D 61 -17.87 36.76 0.44
CA MET D 61 -16.65 36.94 -0.36
C MET D 61 -16.83 36.39 -1.77
N LEU D 62 -17.66 35.36 -1.93
CA LEU D 62 -17.91 34.81 -3.26
C LEU D 62 -18.77 35.76 -4.08
N VAL D 63 -19.77 36.39 -3.46
CA VAL D 63 -20.58 37.37 -4.16
C VAL D 63 -19.74 38.54 -4.66
N ALA D 64 -18.71 38.92 -3.89
CA ALA D 64 -17.91 40.09 -4.21
C ALA D 64 -16.92 39.87 -5.33
N LYS D 65 -16.68 38.63 -5.75
CA LYS D 65 -15.80 38.37 -6.89
C LYS D 65 -16.35 39.07 -8.13
N ASP D 66 -15.45 39.57 -8.97
CA ASP D 66 -15.84 40.36 -10.12
C ASP D 66 -15.75 39.61 -11.44
N ASN D 67 -14.95 38.54 -11.50
CA ASN D 67 -14.77 37.81 -12.76
C ASN D 67 -15.92 36.85 -13.02
N TRP D 68 -17.13 37.20 -12.56
CA TRP D 68 -18.31 36.46 -12.97
C TRP D 68 -18.63 36.81 -14.42
N VAL D 69 -18.99 35.78 -15.19
CA VAL D 69 -19.33 35.94 -16.60
C VAL D 69 -20.75 35.41 -16.80
N LEU D 70 -21.51 36.11 -17.64
CA LEU D 70 -22.87 35.68 -17.95
C LEU D 70 -22.85 34.66 -19.07
N SER D 71 -23.46 33.50 -18.83
CA SER D 71 -23.53 32.43 -19.82
C SER D 71 -24.84 32.43 -20.59
N SER D 72 -25.96 32.68 -19.91
CA SER D 72 -27.27 32.58 -20.55
C SER D 72 -28.27 33.41 -19.77
N GLU D 73 -29.38 33.73 -20.42
CA GLU D 73 -30.47 34.48 -19.81
C GLU D 73 -31.78 34.05 -20.45
N ILE D 74 -32.80 33.85 -19.60
CA ILE D 74 -34.11 33.39 -20.06
C ILE D 74 -35.17 34.10 -19.23
N SER D 75 -35.89 35.03 -19.85
CA SER D 75 -36.99 35.74 -19.20
C SER D 75 -36.51 36.42 -17.92
N GLN D 76 -35.41 37.16 -18.03
CA GLN D 76 -34.85 37.96 -16.95
C GLN D 76 -34.26 37.12 -15.83
N VAL D 77 -33.99 35.84 -16.09
CA VAL D 77 -33.31 34.96 -15.13
C VAL D 77 -31.92 34.67 -15.69
N ARG D 78 -30.90 35.15 -14.99
CA ARG D 78 -29.53 35.09 -15.48
C ARG D 78 -28.78 33.92 -14.84
N LEU D 79 -27.74 33.49 -15.54
CA LEU D 79 -26.88 32.39 -15.10
C LEU D 79 -25.43 32.81 -15.29
N TYR D 80 -24.76 33.12 -14.19
CA TYR D 80 -23.36 33.53 -14.22
C TYR D 80 -22.46 32.35 -13.87
N THR D 81 -21.20 32.47 -14.26
CA THR D 81 -20.21 31.45 -13.97
C THR D 81 -18.85 32.11 -13.79
N LEU D 82 -17.95 31.39 -13.12
CA LEU D 82 -16.62 31.90 -12.81
C LEU D 82 -15.62 30.76 -12.97
N GLU D 83 -14.66 30.94 -13.88
CA GLU D 83 -13.66 29.91 -14.17
C GLU D 83 -12.47 30.12 -13.25
N ASP D 84 -12.53 29.53 -12.07
CA ASP D 84 -11.38 29.51 -11.17
C ASP D 84 -10.42 28.41 -11.60
N ASP D 85 -9.15 28.57 -11.22
CA ASP D 85 -8.12 27.62 -11.64
C ASP D 85 -8.34 26.22 -11.07
N LYS D 86 -9.17 26.10 -10.04
CA LYS D 86 -9.41 24.80 -9.41
C LYS D 86 -10.88 24.40 -9.35
N PHE D 87 -11.80 25.36 -9.35
CA PHE D 87 -13.22 25.06 -9.20
C PHE D 87 -14.03 25.74 -10.30
N LEU D 88 -15.26 25.26 -10.46
CA LEU D 88 -16.23 25.86 -11.37
C LEU D 88 -17.39 26.35 -10.53
N SER D 89 -17.64 27.66 -10.56
CA SER D 89 -18.69 28.28 -9.77
C SER D 89 -19.74 28.89 -10.68
N PHE D 90 -21.00 28.79 -10.26
CA PHE D 90 -22.10 29.44 -10.95
C PHE D 90 -23.04 30.02 -9.92
N HIS D 91 -23.83 31.01 -10.34
CA HIS D 91 -24.91 31.53 -9.52
C HIS D 91 -25.98 32.09 -10.42
N MET D 92 -27.22 32.02 -9.95
CA MET D 92 -28.37 32.49 -10.70
C MET D 92 -28.93 33.74 -10.05
N GLU D 93 -29.60 34.56 -10.86
CA GLU D 93 -30.19 35.82 -10.41
C GLU D 93 -31.60 35.93 -10.95
N MET D 94 -32.49 36.47 -10.11
CA MET D 94 -33.86 36.74 -10.54
C MET D 94 -34.48 37.75 -9.58
N VAL D 95 -35.56 38.36 -10.02
CA VAL D 95 -36.30 39.35 -9.23
C VAL D 95 -37.71 38.81 -8.99
N VAL D 96 -38.11 38.76 -7.72
CA VAL D 96 -39.39 38.22 -7.33
C VAL D 96 -40.18 39.30 -6.59
N HIS D 97 -41.51 39.20 -6.68
CA HIS D 97 -42.39 40.18 -6.05
C HIS D 97 -42.81 39.69 -4.66
N VAL D 98 -41.81 39.47 -3.81
CA VAL D 98 -42.02 39.03 -2.44
C VAL D 98 -41.14 39.89 -1.53
N ASP D 99 -41.59 40.08 -0.30
CA ASP D 99 -40.82 40.82 0.69
C ASP D 99 -39.57 40.02 1.07
N ALA D 100 -38.42 40.69 1.09
CA ALA D 100 -37.17 40.01 1.40
C ALA D 100 -37.25 39.29 2.74
N ALA D 101 -37.92 39.90 3.73
CA ALA D 101 -38.03 39.28 5.03
C ALA D 101 -38.86 37.99 4.96
N GLN D 102 -39.96 38.01 4.20
CA GLN D 102 -40.77 36.81 4.05
C GLN D 102 -39.99 35.71 3.35
N ALA D 103 -39.33 36.03 2.24
CA ALA D 103 -38.53 35.05 1.53
C ALA D 103 -37.42 34.49 2.41
N PHE D 104 -36.94 35.29 3.37
CA PHE D 104 -35.87 34.82 4.25
C PHE D 104 -36.34 33.67 5.14
N LEU D 105 -37.58 33.75 5.64
CA LEU D 105 -38.07 32.72 6.54
C LEU D 105 -38.44 31.45 5.78
N LEU D 106 -38.81 31.56 4.50
CA LEU D 106 -39.23 30.41 3.73
C LEU D 106 -38.03 29.59 3.25
N LEU D 107 -36.99 30.27 2.76
CA LEU D 107 -35.80 29.57 2.28
C LEU D 107 -34.86 29.15 3.40
N SER D 108 -35.09 29.59 4.63
CA SER D 108 -34.18 29.28 5.73
C SER D 108 -34.45 27.91 6.34
N ASP D 109 -35.61 27.32 6.09
CA ASP D 109 -35.96 26.00 6.61
C ASP D 109 -35.88 25.00 5.46
N LEU D 110 -34.78 24.24 5.40
CA LEU D 110 -34.64 23.23 4.37
C LEU D 110 -35.70 22.15 4.48
N ARG D 111 -36.31 21.97 5.65
CA ARG D 111 -37.32 20.94 5.82
C ARG D 111 -38.54 21.18 4.96
N GLN D 112 -38.70 22.39 4.41
CA GLN D 112 -39.76 22.68 3.46
C GLN D 112 -39.22 22.93 2.06
N ARG D 113 -38.00 22.49 1.79
CA ARG D 113 -37.36 22.77 0.50
C ARG D 113 -37.66 21.69 -0.53
N PRO D 114 -37.71 20.40 -0.16
CA PRO D 114 -38.11 19.38 -1.13
C PRO D 114 -39.49 19.61 -1.72
N GLU D 115 -40.31 20.45 -1.10
CA GLU D 115 -41.65 20.74 -1.62
C GLU D 115 -41.63 21.55 -2.90
N TRP D 116 -40.47 22.11 -3.28
CA TRP D 116 -40.35 22.87 -4.52
C TRP D 116 -39.09 22.56 -5.30
N ASP D 117 -38.08 21.94 -4.69
CA ASP D 117 -36.82 21.61 -5.36
C ASP D 117 -36.73 20.11 -5.49
N LYS D 118 -36.59 19.63 -6.73
CA LYS D 118 -36.47 18.20 -6.99
C LYS D 118 -35.04 17.69 -6.85
N HIS D 119 -34.08 18.58 -6.59
CA HIS D 119 -32.71 18.14 -6.29
C HIS D 119 -32.56 17.69 -4.84
N TYR D 120 -33.50 18.06 -3.98
CA TYR D 120 -33.52 17.62 -2.58
C TYR D 120 -34.70 16.67 -2.41
N ARG D 121 -34.40 15.39 -2.19
CA ARG D 121 -35.42 14.38 -2.00
C ARG D 121 -35.87 14.30 -0.54
N SER D 122 -34.93 14.14 0.38
CA SER D 122 -35.22 14.08 1.80
C SER D 122 -34.33 15.04 2.55
N VAL D 123 -34.81 15.48 3.72
CA VAL D 123 -34.13 16.47 4.54
C VAL D 123 -34.31 16.09 5.99
N GLU D 124 -33.21 15.84 6.69
CA GLU D 124 -33.24 15.34 8.06
C GLU D 124 -32.47 16.31 8.95
N LEU D 125 -33.11 16.71 10.05
CA LEU D 125 -32.51 17.63 11.02
C LEU D 125 -31.70 16.81 12.01
N VAL D 126 -30.39 16.99 11.99
CA VAL D 126 -29.50 16.25 12.88
C VAL D 126 -29.33 16.95 14.22
N GLN D 127 -29.01 18.25 14.19
CA GLN D 127 -28.76 19.00 15.42
C GLN D 127 -29.07 20.47 15.17
N GLN D 128 -29.85 21.06 16.07
CA GLN D 128 -30.15 22.48 16.05
C GLN D 128 -29.21 23.15 17.04
N VAL D 129 -28.11 23.72 16.53
CA VAL D 129 -27.11 24.34 17.40
C VAL D 129 -27.75 25.46 18.20
N ASP D 130 -28.24 26.49 17.51
CA ASP D 130 -28.90 27.60 18.20
C ASP D 130 -29.90 28.27 17.27
N GLU D 131 -30.13 29.56 17.47
CA GLU D 131 -31.24 30.24 16.79
C GLU D 131 -31.06 30.23 15.27
N ASP D 132 -29.87 30.57 14.80
CA ASP D 132 -29.63 30.82 13.39
C ASP D 132 -28.73 29.78 12.74
N ASP D 133 -28.54 28.62 13.37
CA ASP D 133 -27.66 27.60 12.85
C ASP D 133 -28.26 26.22 13.06
N ALA D 134 -28.03 25.34 12.09
CA ALA D 134 -28.56 23.98 12.16
C ALA D 134 -27.74 23.09 11.23
N ILE D 135 -27.70 21.81 11.56
CA ILE D 135 -27.03 20.81 10.74
C ILE D 135 -28.08 19.86 10.18
N TYR D 136 -28.08 19.67 8.87
CA TYR D 136 -29.05 18.83 8.18
C TYR D 136 -28.34 17.68 7.48
N HIS D 137 -29.10 16.61 7.25
CA HIS D 137 -28.66 15.47 6.46
C HIS D 137 -29.54 15.40 5.22
N VAL D 138 -28.96 15.68 4.06
CA VAL D 138 -29.71 15.82 2.82
C VAL D 138 -29.39 14.66 1.90
N THR D 139 -30.39 14.25 1.13
CA THR D 139 -30.24 13.21 0.12
C THR D 139 -30.70 13.76 -1.22
N SER D 140 -29.92 13.50 -2.27
CA SER D 140 -30.22 13.99 -3.61
C SER D 140 -30.33 12.84 -4.60
N PRO D 141 -31.23 12.92 -5.58
CA PRO D 141 -31.32 11.88 -6.59
C PRO D 141 -30.00 11.72 -7.35
N ALA D 142 -29.92 10.63 -8.12
CA ALA D 142 -28.74 10.35 -8.92
C ALA D 142 -28.71 11.18 -10.20
N LYS D 148 -26.28 5.08 -7.60
CA LYS D 148 -26.85 5.34 -6.29
C LYS D 148 -27.07 6.84 -6.07
N PRO D 149 -28.12 7.20 -5.34
CA PRO D 149 -28.27 8.60 -4.93
C PRO D 149 -27.24 8.97 -3.88
N GLN D 150 -26.89 10.24 -3.83
CA GLN D 150 -25.89 10.75 -2.90
C GLN D 150 -26.55 11.55 -1.79
N ASP D 151 -25.89 11.57 -0.64
CA ASP D 151 -26.36 12.32 0.52
C ASP D 151 -25.33 13.34 0.96
N PHE D 152 -25.80 14.33 1.72
CA PHE D 152 -24.95 15.40 2.22
C PHE D 152 -25.21 15.60 3.72
N VAL D 153 -24.20 16.14 4.39
CA VAL D 153 -24.33 16.62 5.76
C VAL D 153 -23.87 18.08 5.73
N ILE D 154 -24.83 18.99 5.88
CA ILE D 154 -24.61 20.40 5.59
C ILE D 154 -24.87 21.24 6.83
N LEU D 155 -24.10 22.33 6.97
CA LEU D 155 -24.29 23.31 8.03
C LEU D 155 -24.98 24.54 7.46
N ALA D 156 -26.16 24.86 7.99
CA ALA D 156 -26.96 25.97 7.51
C ALA D 156 -26.79 27.16 8.45
N SER D 157 -26.24 28.25 7.92
CA SER D 157 -26.01 29.47 8.68
C SER D 157 -26.75 30.61 7.99
N ARG D 158 -27.57 31.32 8.75
CA ARG D 158 -28.33 32.45 8.23
C ARG D 158 -28.04 33.71 9.05
N ARG D 159 -28.03 34.85 8.37
CA ARG D 159 -27.78 36.14 8.98
C ARG D 159 -28.76 37.18 8.44
N LYS D 160 -29.20 38.09 9.31
CA LYS D 160 -29.97 39.24 8.84
C LYS D 160 -29.03 40.37 8.44
N PRO D 161 -29.44 41.22 7.50
CA PRO D 161 -28.53 42.28 7.03
C PRO D 161 -28.20 43.26 8.14
N CYS D 162 -26.91 43.59 8.26
CA CYS D 162 -26.46 44.47 9.33
C CYS D 162 -27.11 45.85 9.23
N ASP D 163 -27.06 46.46 8.06
CA ASP D 163 -27.65 47.78 7.83
C ASP D 163 -28.64 47.69 6.67
N ASN D 164 -29.10 48.85 6.22
CA ASN D 164 -29.96 48.93 5.04
C ASN D 164 -29.12 48.79 3.79
N GLY D 165 -29.59 47.96 2.86
CA GLY D 165 -28.87 47.68 1.63
C GLY D 165 -28.07 46.39 1.64
N ASP D 166 -27.80 45.85 2.82
CA ASP D 166 -27.09 44.58 2.90
C ASP D 166 -28.08 43.42 2.67
N PRO D 167 -27.58 42.26 2.25
CA PRO D 167 -28.48 41.16 1.90
C PRO D 167 -28.74 40.19 3.04
N TYR D 168 -29.97 39.67 3.07
CA TYR D 168 -30.25 38.47 3.84
C TYR D 168 -29.45 37.32 3.24
N VAL D 169 -28.81 36.53 4.10
CA VAL D 169 -27.89 35.49 3.66
C VAL D 169 -28.29 34.16 4.26
N ILE D 170 -28.23 33.12 3.45
CA ILE D 170 -28.43 31.73 3.87
C ILE D 170 -27.29 30.93 3.27
N ALA D 171 -26.29 30.59 4.08
CA ALA D 171 -25.11 29.90 3.59
C ALA D 171 -25.20 28.41 3.91
N LEU D 172 -24.47 27.61 3.12
CA LEU D 172 -24.48 26.16 3.26
C LEU D 172 -23.06 25.64 3.04
N ARG D 173 -22.63 24.74 3.92
CA ARG D 173 -21.32 24.11 3.80
C ARG D 173 -21.38 22.71 4.35
N SER D 174 -20.60 21.81 3.75
CA SER D 174 -20.54 20.43 4.21
C SER D 174 -19.59 20.29 5.40
N VAL D 175 -20.03 19.57 6.42
CA VAL D 175 -19.25 19.28 7.60
C VAL D 175 -19.23 17.76 7.80
N THR D 176 -18.51 17.33 8.83
CA THR D 176 -18.38 15.91 9.14
C THR D 176 -18.77 15.66 10.59
N LEU D 177 -19.43 14.54 10.83
CA LEU D 177 -19.84 14.14 12.17
C LEU D 177 -19.50 12.66 12.39
N PRO D 178 -19.06 12.29 13.60
CA PRO D 178 -18.80 10.87 13.86
C PRO D 178 -20.06 10.03 13.88
N THR D 179 -21.23 10.64 14.03
CA THR D 179 -22.49 9.89 14.08
C THR D 179 -23.08 9.63 12.70
N HIS D 180 -22.84 10.53 11.73
CA HIS D 180 -23.35 10.38 10.37
C HIS D 180 -22.19 10.21 9.42
N ARG D 181 -21.45 9.13 9.56
CA ARG D 181 -20.36 8.80 8.64
C ARG D 181 -20.94 8.11 7.40
N GLU D 182 -20.09 7.96 6.39
CA GLU D 182 -20.55 7.44 5.09
C GLU D 182 -21.20 6.07 5.24
N THR D 183 -22.21 5.83 4.41
CA THR D 183 -22.92 4.56 4.37
C THR D 183 -22.90 4.03 2.94
N PRO D 184 -22.83 2.71 2.77
CA PRO D 184 -22.80 2.15 1.40
C PRO D 184 -24.05 2.42 0.59
N GLU D 185 -25.14 2.86 1.21
CA GLU D 185 -26.38 3.10 0.47
C GLU D 185 -26.32 4.38 -0.35
N TYR D 186 -25.56 5.38 0.10
CA TYR D 186 -25.48 6.67 -0.56
C TYR D 186 -24.02 7.05 -0.82
N ARG D 187 -23.81 7.87 -1.84
CA ARG D 187 -22.51 8.48 -2.08
C ARG D 187 -22.38 9.76 -1.26
N ARG D 188 -21.21 9.97 -0.69
CA ARG D 188 -20.96 11.12 0.18
C ARG D 188 -20.39 12.26 -0.66
N GLY D 189 -21.25 13.21 -1.01
CA GLY D 189 -20.79 14.42 -1.68
C GLY D 189 -20.45 15.53 -0.69
N GLU D 190 -19.70 16.50 -1.18
CA GLU D 190 -19.28 17.63 -0.35
C GLU D 190 -19.47 18.92 -1.14
N THR D 191 -20.12 19.91 -0.52
CA THR D 191 -20.29 21.22 -1.10
C THR D 191 -19.43 22.23 -0.34
N LEU D 192 -18.70 23.06 -1.08
CA LEU D 192 -17.77 23.99 -0.45
C LEU D 192 -18.47 25.24 0.05
N CYS D 193 -19.31 25.85 -0.78
CA CYS D 193 -19.94 27.12 -0.43
C CYS D 193 -21.16 27.34 -1.33
N SER D 194 -22.34 27.22 -0.76
CA SER D 194 -23.59 27.37 -1.51
C SER D 194 -24.58 28.16 -0.65
N GLY D 195 -25.75 28.44 -1.22
CA GLY D 195 -26.82 29.07 -0.49
C GLY D 195 -27.41 30.25 -1.23
N PHE D 196 -28.28 30.98 -0.54
CA PHE D 196 -29.03 32.08 -1.13
C PHE D 196 -28.43 33.43 -0.73
N CYS D 197 -28.91 34.47 -1.44
CA CYS D 197 -28.63 35.85 -1.09
C CYS D 197 -29.81 36.68 -1.55
N LEU D 198 -30.49 37.34 -0.62
CA LEU D 198 -31.66 38.14 -0.91
C LEU D 198 -31.36 39.61 -0.68
N TRP D 199 -31.65 40.43 -1.69
CA TRP D 199 -31.51 41.88 -1.61
C TRP D 199 -32.88 42.54 -1.69
N ARG D 200 -33.00 43.71 -1.08
CA ARG D 200 -34.23 44.50 -1.16
C ARG D 200 -34.13 45.42 -2.37
N GLU D 201 -34.90 45.11 -3.42
CA GLU D 201 -34.99 45.96 -4.59
C GLU D 201 -36.17 46.93 -4.50
N GLY D 202 -36.74 47.10 -3.32
CA GLY D 202 -37.91 47.93 -3.14
C GLY D 202 -38.93 47.27 -2.25
N ASP D 203 -40.07 47.93 -2.04
CA ASP D 203 -41.13 47.33 -1.24
C ASP D 203 -41.76 46.18 -2.03
N GLN D 204 -41.75 44.98 -1.44
CA GLN D 204 -42.26 43.77 -2.06
C GLN D 204 -41.46 43.35 -3.29
N LEU D 205 -40.22 43.80 -3.40
CA LEU D 205 -39.30 43.37 -4.46
C LEU D 205 -38.03 42.82 -3.82
N THR D 206 -37.57 41.69 -4.35
CA THR D 206 -36.39 41.03 -3.81
C THR D 206 -35.60 40.41 -4.96
N LYS D 207 -34.28 40.67 -4.99
CA LYS D 207 -33.38 40.01 -5.92
C LYS D 207 -32.88 38.72 -5.29
N VAL D 208 -33.46 37.60 -5.71
CA VAL D 208 -33.08 36.29 -5.20
C VAL D 208 -31.89 35.78 -6.00
N SER D 209 -30.88 35.25 -5.31
CA SER D 209 -29.72 34.68 -5.96
C SER D 209 -29.35 33.37 -5.27
N TYR D 210 -29.04 32.36 -6.08
CA TYR D 210 -28.52 31.09 -5.58
C TYR D 210 -27.08 30.95 -6.03
N TYR D 211 -26.17 30.83 -5.07
CA TYR D 211 -24.75 30.68 -5.34
C TYR D 211 -24.31 29.25 -5.07
N ASN D 212 -23.23 28.85 -5.73
CA ASN D 212 -22.66 27.52 -5.53
C ASN D 212 -21.23 27.56 -6.04
N GLN D 213 -20.26 27.42 -5.13
CA GLN D 213 -18.86 27.55 -5.53
C GLN D 213 -18.33 26.26 -6.14
N ALA D 214 -18.62 25.12 -5.52
CA ALA D 214 -18.07 23.86 -6.02
C ALA D 214 -18.84 22.69 -5.40
N THR D 215 -19.17 21.72 -6.24
CA THR D 215 -19.78 20.47 -5.78
C THR D 215 -19.38 19.37 -6.76
N PRO D 216 -18.25 18.72 -6.52
CA PRO D 216 -17.77 17.71 -7.49
C PRO D 216 -18.77 16.59 -7.76
N GLY D 217 -19.66 16.31 -6.82
CA GLY D 217 -20.64 15.25 -7.01
C GLY D 217 -21.67 15.50 -8.08
N VAL D 218 -21.63 16.67 -8.73
CA VAL D 218 -22.62 17.00 -9.76
C VAL D 218 -21.95 17.79 -10.87
N LEU D 219 -20.67 17.54 -11.11
CA LEU D 219 -19.94 18.28 -12.13
C LEU D 219 -20.61 18.16 -13.49
N ASN D 220 -20.85 16.93 -13.94
CA ASN D 220 -21.53 16.73 -15.23
C ASN D 220 -22.88 17.41 -15.24
N TYR D 221 -23.63 17.30 -14.15
CA TYR D 221 -24.99 17.86 -14.12
C TYR D 221 -24.97 19.35 -14.39
N VAL D 222 -23.96 20.06 -13.89
CA VAL D 222 -23.91 21.50 -14.03
C VAL D 222 -23.50 21.89 -15.45
N THR D 223 -22.41 21.28 -15.95
CA THR D 223 -21.90 21.64 -17.28
C THR D 223 -22.93 21.38 -18.37
N THR D 224 -23.92 20.51 -18.13
CA THR D 224 -25.01 20.37 -19.09
C THR D 224 -25.91 21.60 -19.08
N ASN D 225 -26.20 22.14 -17.90
CA ASN D 225 -27.02 23.33 -17.80
C ASN D 225 -26.24 24.59 -18.13
N VAL D 226 -24.97 24.64 -17.73
CA VAL D 226 -24.13 25.79 -18.06
C VAL D 226 -23.93 25.89 -19.57
N ALA D 227 -23.78 24.76 -20.24
CA ALA D 227 -23.57 24.75 -21.68
C ALA D 227 -24.84 25.01 -22.47
N GLY D 228 -26.01 24.81 -21.87
CA GLY D 228 -27.26 25.04 -22.54
C GLY D 228 -27.97 23.78 -22.99
N LEU D 229 -27.28 22.63 -22.99
CA LEU D 229 -27.91 21.38 -23.39
C LEU D 229 -29.10 21.03 -22.53
N SER D 230 -29.21 21.63 -21.35
CA SER D 230 -30.35 21.39 -20.46
C SER D 230 -30.79 22.72 -19.87
N SER D 231 -32.04 22.75 -19.40
CA SER D 231 -32.62 23.93 -18.76
C SER D 231 -33.15 23.56 -17.38
N GLU D 232 -32.41 22.75 -16.65
CA GLU D 232 -32.83 22.31 -15.32
C GLU D 232 -32.64 23.42 -14.29
N PHE D 233 -31.55 24.18 -14.41
CA PHE D 233 -31.33 25.31 -13.52
C PHE D 233 -32.50 26.29 -13.60
N TYR D 234 -32.91 26.66 -14.82
CA TYR D 234 -34.00 27.61 -14.98
C TYR D 234 -35.31 27.04 -14.44
N THR D 235 -35.60 25.78 -14.75
CA THR D 235 -36.88 25.20 -14.34
C THR D 235 -36.97 25.12 -12.82
N THR D 236 -35.97 24.52 -12.16
CA THR D 236 -35.99 24.43 -10.72
C THR D 236 -35.97 25.81 -10.08
N PHE D 237 -35.22 26.75 -10.67
CA PHE D 237 -35.17 28.09 -10.14
C PHE D 237 -36.46 28.86 -10.43
N LYS D 238 -37.11 28.56 -11.56
CA LYS D 238 -38.44 29.10 -11.79
C LYS D 238 -39.47 28.48 -10.86
N ALA D 239 -39.23 27.22 -10.45
CA ALA D 239 -40.07 26.62 -9.42
C ALA D 239 -39.86 27.30 -8.08
N CYS D 240 -38.66 27.84 -7.85
CA CYS D 240 -38.42 28.60 -6.63
C CYS D 240 -39.20 29.91 -6.65
N GLU D 241 -39.14 30.64 -7.76
CA GLU D 241 -39.91 31.87 -7.89
C GLU D 241 -41.39 31.62 -7.68
N GLN D 242 -41.89 30.47 -8.15
CA GLN D 242 -43.30 30.14 -7.96
C GLN D 242 -43.58 29.70 -6.53
N PHE D 243 -42.57 29.14 -5.85
CA PHE D 243 -42.75 28.72 -4.47
C PHE D 243 -42.86 29.91 -3.52
N LEU D 244 -42.15 31.01 -3.83
CA LEU D 244 -42.17 32.17 -2.95
C LEU D 244 -43.48 32.93 -3.05
N LEU D 245 -44.02 33.06 -4.27
CA LEU D 245 -45.20 33.89 -4.48
C LEU D 245 -46.41 33.34 -3.74
N ASP D 246 -46.44 32.04 -3.46
CA ASP D 246 -47.61 31.42 -2.87
C ASP D 246 -47.66 31.57 -1.34
N ASN D 247 -46.51 31.78 -0.69
CA ASN D 247 -46.43 31.72 0.75
C ASN D 247 -46.37 33.08 1.44
N ARG D 248 -46.66 34.15 0.71
CA ARG D 248 -46.69 35.48 1.32
C ARG D 248 -47.90 35.62 2.25
#